data_2P0R
#
_entry.id   2P0R
#
_cell.length_a   97.165
_cell.length_b   97.165
_cell.length_c   173.378
_cell.angle_alpha   90.00
_cell.angle_beta   90.00
_cell.angle_gamma   90.00
#
_symmetry.space_group_name_H-M   'P 41 21 2'
#
loop_
_entity.id
_entity.type
_entity.pdbx_description
1 polymer Calpain-9
2 polymer leupeptin
3 non-polymer 'CALCIUM ION'
4 water water
#
loop_
_entity_poly.entity_id
_entity_poly.type
_entity_poly.pdbx_seq_one_letter_code
_entity_poly.pdbx_strand_id
1 'polypeptide(L)'
;GSPQAHPVPKDARITHSSGQSFEQMRQECLQRGTLFEDADFPASNSSLFYSERPQIPFVWKRPGEIVKNPEFILGGATRT
DICQGELGDCWLLAAIASLTLNQKALARVIPQDQSFGPGYAGIFHFQFWQHSEWLDVVIDDRLPTFRDRLVFLHSADHNE
FWSALLEKAYAKLNGSYEALKGGSAIEAMEDFTGGVAETFQTKEAPENFYEILEKALKRGSLLGCFIDTRSAAESEARTP
FGLIKGHAYSVTGIDQVSFRGQRIELIRIRNPWGQVEWNGSWSDSSPEWRSVGPAEQKRLCHTALDDGEFWMAFKDFKAH
FDKVEICNLTPDA
;
A,B
2 'polypeptide(L)' (ACE)LL(AR7) D,E
#
# COMPACT_ATOMS: atom_id res chain seq x y z
N ALA A 12 7.95 -34.20 -11.51
CA ALA A 12 7.68 -32.98 -10.71
C ALA A 12 6.40 -33.15 -9.85
N ARG A 13 6.60 -33.35 -8.55
CA ARG A 13 5.59 -33.96 -7.64
C ARG A 13 4.36 -33.10 -7.29
N ILE A 14 3.18 -33.71 -7.38
CA ILE A 14 1.92 -33.12 -6.89
C ILE A 14 2.00 -32.83 -5.39
N THR A 15 1.58 -31.63 -4.97
CA THR A 15 1.60 -31.24 -3.55
C THR A 15 0.25 -30.70 -3.05
N HIS A 16 -0.78 -30.70 -3.89
CA HIS A 16 -2.10 -30.19 -3.49
C HIS A 16 -2.86 -31.24 -2.62
N SER A 17 -3.54 -30.75 -1.57
CA SER A 17 -4.17 -31.62 -0.56
C SER A 17 -5.22 -32.58 -1.14
N SER A 18 -5.88 -32.16 -2.21
CA SER A 18 -6.77 -33.03 -2.97
C SER A 18 -6.01 -34.26 -3.51
N GLY A 19 -4.71 -34.13 -3.74
CA GLY A 19 -3.92 -35.15 -4.40
C GLY A 19 -4.05 -35.07 -5.91
N GLN A 20 -4.83 -34.09 -6.38
CA GLN A 20 -5.18 -34.00 -7.78
C GLN A 20 -4.08 -33.19 -8.53
N SER A 21 -3.93 -33.43 -9.82
CA SER A 21 -2.89 -32.78 -10.62
C SER A 21 -3.37 -31.48 -11.27
N PHE A 22 -2.46 -30.54 -11.47
CA PHE A 22 -2.77 -29.27 -12.11
C PHE A 22 -3.69 -29.41 -13.35
N GLU A 23 -3.39 -30.37 -14.22
CA GLU A 23 -4.23 -30.60 -15.42
C GLU A 23 -5.63 -31.15 -15.06
N GLN A 24 -5.70 -32.03 -14.07
CA GLN A 24 -6.95 -32.65 -13.65
C GLN A 24 -7.88 -31.63 -13.05
N MET A 25 -7.39 -30.92 -12.03
CA MET A 25 -8.13 -29.83 -11.39
C MET A 25 -8.53 -28.74 -12.40
N ARG A 26 -7.64 -28.43 -13.31
CA ARG A 26 -7.95 -27.46 -14.34
C ARG A 26 -9.08 -27.94 -15.24
N GLN A 27 -9.08 -29.25 -15.53
CA GLN A 27 -9.97 -29.85 -16.50
C GLN A 27 -11.37 -30.03 -15.91
N GLU A 28 -11.40 -30.41 -14.63
CA GLU A 28 -12.63 -30.42 -13.85
C GLU A 28 -13.35 -29.06 -13.91
N CYS A 29 -12.59 -27.99 -13.64
CA CYS A 29 -13.13 -26.65 -13.63
C CYS A 29 -13.68 -26.25 -15.00
N LEU A 30 -12.92 -26.59 -16.05
CA LEU A 30 -13.35 -26.31 -17.42
C LEU A 30 -14.65 -27.06 -17.75
N GLN A 31 -14.71 -28.33 -17.38
CA GLN A 31 -15.91 -29.13 -17.65
C GLN A 31 -17.13 -28.56 -16.87
N ARG A 32 -16.99 -28.39 -15.56
CA ARG A 32 -18.03 -27.82 -14.70
C ARG A 32 -18.32 -26.36 -15.03
N GLY A 33 -17.32 -25.66 -15.59
CA GLY A 33 -17.50 -24.31 -16.06
C GLY A 33 -17.37 -23.30 -14.95
N THR A 34 -16.52 -23.63 -13.98
CA THR A 34 -16.25 -22.77 -12.83
C THR A 34 -14.80 -22.36 -12.86
N LEU A 35 -14.44 -21.48 -11.94
CA LEU A 35 -13.05 -21.05 -11.78
C LEU A 35 -12.50 -21.83 -10.60
N PHE A 36 -11.21 -22.15 -10.63
CA PHE A 36 -10.57 -22.89 -9.56
C PHE A 36 -10.45 -22.01 -8.32
N GLU A 37 -10.94 -22.52 -7.17
CA GLU A 37 -10.67 -21.90 -5.88
C GLU A 37 -9.74 -22.81 -5.07
N ASP A 38 -8.61 -22.26 -4.65
CA ASP A 38 -7.57 -23.02 -3.98
C ASP A 38 -7.92 -23.23 -2.49
N ALA A 39 -8.19 -24.49 -2.13
CA ALA A 39 -8.54 -24.86 -0.76
C ALA A 39 -7.35 -24.75 0.19
N ASP A 40 -6.11 -24.85 -0.32
CA ASP A 40 -4.90 -24.84 0.56
C ASP A 40 -4.29 -23.46 0.85
N PHE A 41 -4.59 -22.47 0.01
CA PHE A 41 -4.15 -21.10 0.23
C PHE A 41 -5.33 -20.18 -0.09
N PRO A 42 -6.25 -19.97 0.87
CA PRO A 42 -7.50 -19.29 0.56
C PRO A 42 -7.29 -17.80 0.27
N ALA A 43 -8.20 -17.22 -0.50
CA ALA A 43 -8.19 -15.77 -0.76
C ALA A 43 -8.68 -14.98 0.48
N SER A 44 -7.89 -14.93 1.54
CA SER A 44 -8.37 -14.31 2.78
C SER A 44 -7.20 -13.85 3.65
N ASN A 45 -7.53 -13.21 4.77
CA ASN A 45 -6.58 -12.43 5.55
C ASN A 45 -5.40 -13.19 6.14
N SER A 46 -5.59 -14.47 6.40
CA SER A 46 -4.52 -15.30 6.97
C SER A 46 -3.42 -15.66 5.95
N SER A 47 -3.75 -15.59 4.66
CA SER A 47 -2.78 -15.77 3.59
C SER A 47 -1.96 -14.48 3.30
N LEU A 48 -2.46 -13.33 3.77
CA LEU A 48 -1.72 -12.08 3.68
C LEU A 48 -0.72 -11.95 4.83
N PHE A 49 -1.24 -11.84 6.06
CA PHE A 49 -0.44 -11.66 7.26
C PHE A 49 -0.87 -12.67 8.35
N TYR A 50 0.11 -13.14 9.13
CA TYR A 50 -0.08 -14.02 10.32
C TYR A 50 0.04 -13.23 11.64
N SER A 51 0.88 -12.20 11.69
CA SER A 51 1.15 -11.42 12.91
C SER A 51 0.11 -10.36 13.30
N GLU A 52 -0.80 -10.05 12.37
CA GLU A 52 -1.91 -9.12 12.60
C GLU A 52 -2.71 -9.03 11.33
N ARG A 53 -3.97 -8.63 11.45
CA ARG A 53 -4.78 -8.35 10.29
C ARG A 53 -4.33 -7.03 9.66
N PRO A 54 -4.54 -6.87 8.35
CA PRO A 54 -4.14 -5.62 7.73
C PRO A 54 -5.12 -4.49 8.06
N GLN A 55 -4.62 -3.27 8.01
CA GLN A 55 -5.37 -2.08 8.40
C GLN A 55 -6.25 -1.56 7.25
N ILE A 56 -6.04 -2.08 6.04
CA ILE A 56 -6.80 -1.66 4.83
C ILE A 56 -7.77 -2.77 4.34
N PRO A 57 -8.80 -2.38 3.58
CA PRO A 57 -9.71 -3.34 2.94
C PRO A 57 -9.13 -3.97 1.66
N PHE A 58 -8.39 -5.04 1.86
CA PHE A 58 -7.89 -5.88 0.78
C PHE A 58 -9.10 -6.51 0.14
N VAL A 59 -9.10 -6.56 -1.19
CA VAL A 59 -10.08 -7.31 -1.96
C VAL A 59 -9.28 -8.21 -2.90
N TRP A 60 -9.53 -9.51 -2.83
CA TRP A 60 -8.86 -10.47 -3.68
C TRP A 60 -9.58 -10.46 -5.02
N LYS A 61 -8.81 -10.37 -6.11
CA LYS A 61 -9.36 -10.23 -7.43
C LYS A 61 -8.59 -11.06 -8.47
N ARG A 62 -9.32 -11.71 -9.36
CA ARG A 62 -8.70 -12.38 -10.50
C ARG A 62 -8.25 -11.31 -11.48
N PRO A 63 -7.18 -11.58 -12.26
CA PRO A 63 -6.65 -10.60 -13.20
C PRO A 63 -7.70 -10.02 -14.18
N GLY A 64 -8.68 -10.85 -14.58
CA GLY A 64 -9.82 -10.39 -15.40
C GLY A 64 -10.70 -9.35 -14.71
N GLU A 65 -10.78 -9.42 -13.39
CA GLU A 65 -11.49 -8.41 -12.61
C GLU A 65 -10.67 -7.14 -12.38
N ILE A 66 -9.36 -7.21 -12.67
CA ILE A 66 -8.42 -6.07 -12.47
C ILE A 66 -8.26 -5.28 -13.79
N VAL A 67 -8.10 -5.97 -14.91
CA VAL A 67 -7.98 -5.30 -16.22
C VAL A 67 -8.89 -5.98 -17.19
N LYS A 68 -9.20 -5.32 -18.31
CA LYS A 68 -10.14 -5.91 -19.25
C LYS A 68 -9.50 -7.12 -19.89
N ASN A 69 -8.24 -6.99 -20.31
CA ASN A 69 -7.57 -8.06 -21.07
C ASN A 69 -6.28 -8.55 -20.41
N PRO A 70 -6.44 -9.44 -19.40
CA PRO A 70 -5.29 -10.01 -18.70
C PRO A 70 -4.46 -10.95 -19.59
N GLU A 71 -3.16 -10.99 -19.33
CA GLU A 71 -2.23 -11.86 -20.03
C GLU A 71 -1.23 -12.38 -19.00
N PHE A 72 -0.88 -13.65 -19.13
CA PHE A 72 0.14 -14.24 -18.25
C PHE A 72 1.52 -13.61 -18.55
N ILE A 73 2.03 -13.91 -19.75
CA ILE A 73 3.28 -13.35 -20.25
C ILE A 73 2.99 -12.49 -21.48
N LEU A 74 3.61 -11.33 -21.52
CA LEU A 74 3.34 -10.33 -22.52
C LEU A 74 4.65 -9.65 -22.85
N GLY A 75 5.17 -9.88 -24.05
CA GLY A 75 6.47 -9.35 -24.44
C GLY A 75 7.62 -10.09 -23.79
N GLY A 76 7.38 -11.36 -23.44
CA GLY A 76 8.39 -12.13 -22.72
C GLY A 76 8.34 -11.92 -21.21
N ALA A 77 8.71 -12.96 -20.47
CA ALA A 77 8.88 -12.91 -19.03
C ALA A 77 10.26 -12.32 -18.78
N THR A 78 10.32 -11.03 -18.48
CA THR A 78 11.61 -10.35 -18.44
C THR A 78 11.80 -9.64 -17.11
N ARG A 79 12.99 -9.11 -16.93
CA ARG A 79 13.31 -8.48 -15.68
C ARG A 79 12.52 -7.16 -15.54
N THR A 80 12.14 -6.56 -16.67
CA THR A 80 11.34 -5.32 -16.66
C THR A 80 9.96 -5.61 -16.04
N ASP A 81 9.61 -6.89 -15.91
CA ASP A 81 8.36 -7.31 -15.29
C ASP A 81 8.44 -7.55 -13.78
N ILE A 82 9.57 -7.19 -13.16
CA ILE A 82 9.75 -7.38 -11.70
C ILE A 82 9.79 -6.01 -11.00
N CYS A 83 8.65 -5.53 -10.53
CA CYS A 83 8.53 -4.29 -9.76
C CYS A 83 7.91 -4.56 -8.37
N GLN A 84 8.75 -4.38 -7.34
CA GLN A 84 8.38 -4.67 -5.95
C GLN A 84 7.17 -3.87 -5.50
N GLY A 85 6.27 -4.56 -4.78
CA GLY A 85 5.13 -3.95 -4.14
C GLY A 85 5.47 -3.66 -2.71
N GLU A 86 4.44 -3.63 -1.87
CA GLU A 86 4.58 -3.25 -0.46
C GLU A 86 4.82 -4.46 0.42
N LEU A 87 6.00 -5.02 0.22
CA LEU A 87 6.43 -6.22 0.88
C LEU A 87 7.94 -6.21 0.78
N GLY A 88 8.59 -6.63 1.87
CA GLY A 88 10.03 -6.66 1.96
C GLY A 88 10.68 -7.89 1.36
N ASP A 89 10.28 -8.25 0.13
CA ASP A 89 10.80 -9.46 -0.54
C ASP A 89 11.70 -9.11 -1.75
N CYS A 90 12.52 -8.06 -1.59
CA CYS A 90 13.58 -7.72 -2.54
C CYS A 90 14.42 -8.92 -2.90
N TRP A 91 14.73 -9.74 -1.90
CA TRP A 91 15.48 -10.99 -2.08
C TRP A 91 14.84 -12.01 -3.04
N LEU A 92 13.52 -12.17 -2.99
CA LEU A 92 12.82 -13.09 -3.91
C LEU A 92 12.88 -12.53 -5.34
N LEU A 93 12.49 -11.27 -5.47
CA LEU A 93 12.33 -10.67 -6.78
C LEU A 93 13.66 -10.48 -7.51
N ALA A 94 14.73 -10.19 -6.78
CA ALA A 94 16.05 -10.14 -7.38
C ALA A 94 16.40 -11.51 -7.95
N ALA A 95 16.01 -12.57 -7.25
CA ALA A 95 16.19 -13.94 -7.72
C ALA A 95 15.38 -14.21 -9.00
N ILE A 96 14.14 -13.75 -9.03
CA ILE A 96 13.28 -13.84 -10.23
C ILE A 96 13.87 -13.07 -11.40
N ALA A 97 14.31 -11.84 -11.16
CA ALA A 97 14.88 -11.02 -12.25
C ALA A 97 16.13 -11.70 -12.81
N SER A 98 16.96 -12.24 -11.92
CA SER A 98 18.11 -13.01 -12.32
C SER A 98 17.70 -14.25 -13.10
N LEU A 99 16.66 -14.93 -12.63
CA LEU A 99 16.16 -16.14 -13.30
C LEU A 99 15.69 -15.85 -14.73
N THR A 100 15.15 -14.67 -14.97
CA THR A 100 14.69 -14.32 -16.33
C THR A 100 15.80 -14.21 -17.40
N LEU A 101 17.08 -14.08 -16.99
CA LEU A 101 18.19 -14.00 -17.97
C LEU A 101 18.55 -15.36 -18.61
N ASN A 102 17.95 -16.42 -18.09
CA ASN A 102 18.12 -17.77 -18.60
C ASN A 102 16.71 -18.30 -18.93
N GLN A 103 16.38 -18.30 -20.23
CA GLN A 103 15.02 -18.65 -20.73
C GLN A 103 14.59 -20.03 -20.27
N LYS A 104 15.59 -20.86 -20.09
CA LYS A 104 15.42 -22.26 -19.87
C LYS A 104 15.36 -22.60 -18.39
N ALA A 105 16.16 -21.91 -17.55
CA ALA A 105 16.00 -22.02 -16.10
C ALA A 105 14.61 -21.46 -15.68
N LEU A 106 14.18 -20.39 -16.36
CA LEU A 106 12.84 -19.84 -16.21
C LEU A 106 11.71 -20.80 -16.62
N ALA A 107 11.85 -21.50 -17.74
CA ALA A 107 10.81 -22.48 -18.18
C ALA A 107 10.62 -23.61 -17.16
N ARG A 108 11.63 -23.82 -16.33
CA ARG A 108 11.53 -24.85 -15.33
C ARG A 108 10.72 -24.44 -14.12
N VAL A 109 10.79 -23.16 -13.75
CA VAL A 109 9.97 -22.67 -12.65
C VAL A 109 8.56 -22.36 -13.16
N ILE A 110 8.47 -21.93 -14.44
CA ILE A 110 7.22 -21.51 -15.09
C ILE A 110 6.84 -22.41 -16.27
N PRO A 111 6.04 -23.48 -16.02
CA PRO A 111 5.54 -24.41 -17.03
C PRO A 111 4.90 -23.69 -18.19
N GLN A 112 5.08 -24.25 -19.40
CA GLN A 112 4.59 -23.66 -20.63
C GLN A 112 3.07 -23.45 -20.67
N ASP A 113 2.63 -22.64 -21.62
CA ASP A 113 1.23 -22.61 -22.06
C ASP A 113 0.23 -22.30 -20.96
N GLN A 114 0.59 -21.32 -20.16
CA GLN A 114 -0.33 -20.75 -19.22
C GLN A 114 -0.72 -19.43 -19.81
N SER A 115 -2.02 -19.16 -19.77
CA SER A 115 -2.58 -17.96 -20.32
C SER A 115 -4.00 -17.78 -19.82
N PHE A 116 -4.59 -16.66 -20.24
CA PHE A 116 -5.97 -16.35 -19.97
C PHE A 116 -6.85 -16.61 -21.19
N GLY A 117 -6.25 -17.22 -22.22
CA GLY A 117 -6.95 -17.61 -23.43
C GLY A 117 -7.62 -18.97 -23.30
N PRO A 118 -7.85 -19.65 -24.43
CA PRO A 118 -8.52 -20.94 -24.33
C PRO A 118 -7.81 -21.94 -23.41
N GLY A 119 -8.55 -22.55 -22.50
CA GLY A 119 -7.96 -23.46 -21.52
C GLY A 119 -7.95 -22.88 -20.12
N TYR A 120 -8.20 -21.56 -20.02
CA TYR A 120 -8.13 -20.85 -18.75
C TYR A 120 -9.29 -21.17 -17.76
N ALA A 121 -8.93 -21.59 -16.55
CA ALA A 121 -9.88 -21.95 -15.48
C ALA A 121 -9.54 -21.36 -14.09
N GLY A 122 -8.85 -20.24 -14.09
CA GLY A 122 -8.50 -19.54 -12.85
C GLY A 122 -7.36 -20.18 -12.08
N ILE A 123 -6.66 -21.12 -12.72
CA ILE A 123 -5.62 -21.94 -12.08
C ILE A 123 -4.26 -21.78 -12.79
N PHE A 124 -3.20 -21.61 -12.01
CA PHE A 124 -1.83 -21.52 -12.50
C PHE A 124 -0.93 -22.38 -11.63
N HIS A 125 0.24 -22.75 -12.15
CA HIS A 125 1.16 -23.60 -11.39
C HIS A 125 2.60 -23.22 -11.71
N PHE A 126 3.44 -23.38 -10.69
CA PHE A 126 4.87 -23.09 -10.78
C PHE A 126 5.63 -24.21 -10.09
N GLN A 127 6.90 -24.40 -10.48
CA GLN A 127 7.74 -25.44 -9.90
C GLN A 127 8.85 -24.80 -9.10
N PHE A 128 9.00 -25.26 -7.86
CA PHE A 128 10.04 -24.79 -6.94
C PHE A 128 10.83 -25.97 -6.44
N TRP A 129 12.09 -25.74 -6.11
CA TRP A 129 12.93 -26.79 -5.56
C TRP A 129 12.97 -26.70 -4.03
N GLN A 130 12.56 -27.77 -3.42
CA GLN A 130 12.31 -27.83 -2.02
C GLN A 130 12.50 -29.32 -1.78
N HIS A 131 12.74 -29.74 -0.59
CA HIS A 131 14.07 -29.76 0.00
C HIS A 131 15.04 -30.56 -0.85
N SER A 132 14.73 -31.67 -1.39
CA SER A 132 15.71 -32.27 -2.24
C SER A 132 15.03 -32.59 -3.52
N GLU A 133 14.09 -31.74 -3.91
CA GLU A 133 13.09 -32.24 -4.85
C GLU A 133 12.39 -31.09 -5.64
N TRP A 134 11.68 -31.42 -6.72
CA TRP A 134 10.96 -30.45 -7.52
C TRP A 134 9.44 -30.48 -7.34
N LEU A 135 8.92 -29.54 -6.54
CA LEU A 135 7.49 -29.49 -6.24
C LEU A 135 6.68 -28.77 -7.31
N ASP A 136 5.52 -29.33 -7.65
CA ASP A 136 4.47 -28.60 -8.35
C ASP A 136 3.72 -27.83 -7.25
N VAL A 137 3.63 -26.51 -7.43
CA VAL A 137 2.83 -25.69 -6.56
C VAL A 137 1.77 -25.08 -7.47
N VAL A 138 0.52 -25.33 -7.10
CA VAL A 138 -0.64 -24.98 -7.86
C VAL A 138 -1.32 -23.81 -7.10
N ILE A 139 -1.81 -22.79 -7.83
CA ILE A 139 -2.56 -21.65 -7.23
C ILE A 139 -3.80 -21.30 -8.03
N ASP A 140 -4.76 -20.64 -7.38
CA ASP A 140 -5.76 -19.86 -8.10
C ASP A 140 -5.20 -18.44 -8.36
N ASP A 141 -5.66 -17.79 -9.42
CA ASP A 141 -5.17 -16.45 -9.79
C ASP A 141 -5.80 -15.25 -9.06
N ARG A 142 -6.58 -15.47 -8.01
CA ARG A 142 -7.08 -14.36 -7.18
C ARG A 142 -5.89 -13.68 -6.49
N LEU A 143 -5.73 -12.39 -6.74
CA LEU A 143 -4.59 -11.63 -6.21
C LEU A 143 -4.98 -10.52 -5.22
N PRO A 144 -4.13 -10.25 -4.22
CA PRO A 144 -4.42 -9.14 -3.29
C PRO A 144 -4.46 -7.78 -3.97
N THR A 145 -5.56 -7.07 -3.81
CA THR A 145 -5.68 -5.72 -4.37
C THR A 145 -6.22 -4.71 -3.36
N PHE A 146 -5.98 -3.45 -3.67
CA PHE A 146 -6.49 -2.37 -2.87
C PHE A 146 -6.58 -1.16 -3.78
N ARG A 147 -7.79 -0.61 -3.89
CA ARG A 147 -8.05 0.51 -4.78
C ARG A 147 -7.90 0.09 -6.25
N ASP A 148 -8.32 -1.14 -6.55
CA ASP A 148 -8.22 -1.76 -7.88
C ASP A 148 -6.78 -1.95 -8.34
N ARG A 149 -5.84 -2.06 -7.41
CA ARG A 149 -4.49 -2.26 -7.85
C ARG A 149 -3.85 -3.35 -7.05
N LEU A 150 -2.93 -4.04 -7.69
CA LEU A 150 -2.04 -4.95 -7.01
C LEU A 150 -1.22 -4.17 -5.97
N VAL A 151 -1.06 -4.75 -4.79
CA VAL A 151 -0.29 -4.12 -3.72
C VAL A 151 1.13 -4.70 -3.68
N PHE A 152 1.27 -5.96 -4.06
CA PHE A 152 2.56 -6.62 -4.01
C PHE A 152 3.25 -6.57 -5.39
N LEU A 153 3.83 -7.69 -5.84
CA LEU A 153 4.61 -7.67 -7.08
C LEU A 153 3.73 -7.44 -8.34
N HIS A 154 4.18 -6.52 -9.18
CA HIS A 154 3.45 -6.19 -10.38
C HIS A 154 4.47 -6.03 -11.50
N SER A 155 4.02 -6.27 -12.73
CA SER A 155 4.84 -5.98 -13.93
C SER A 155 4.74 -4.48 -14.23
N ALA A 156 5.74 -3.95 -14.94
CA ALA A 156 5.66 -2.55 -15.45
C ALA A 156 4.42 -2.37 -16.33
N ASP A 157 4.01 -3.43 -17.01
CA ASP A 157 2.82 -3.41 -17.82
C ASP A 157 1.71 -3.99 -16.95
N HIS A 158 0.67 -3.17 -16.66
CA HIS A 158 -0.36 -3.61 -15.71
C HIS A 158 -1.32 -4.66 -16.27
N ASN A 159 -1.14 -5.05 -17.53
CA ASN A 159 -1.90 -6.17 -18.09
C ASN A 159 -1.28 -7.55 -17.88
N GLU A 160 -0.07 -7.56 -17.31
CA GLU A 160 0.76 -8.77 -17.16
C GLU A 160 0.83 -9.29 -15.71
N PHE A 161 0.56 -10.58 -15.55
CA PHE A 161 0.40 -11.18 -14.22
C PHE A 161 1.33 -12.33 -13.82
N TRP A 162 2.24 -12.75 -14.69
CA TRP A 162 3.04 -13.95 -14.38
C TRP A 162 3.91 -13.69 -13.14
N SER A 163 4.54 -12.52 -13.05
CA SER A 163 5.37 -12.16 -11.89
C SER A 163 4.55 -12.11 -10.59
N ALA A 164 3.35 -11.52 -10.65
CA ALA A 164 2.44 -11.43 -9.49
C ALA A 164 1.97 -12.80 -9.01
N LEU A 165 1.70 -13.68 -9.97
CA LEU A 165 1.28 -15.02 -9.68
C LEU A 165 2.44 -15.88 -9.10
N LEU A 166 3.61 -15.78 -9.71
CA LEU A 166 4.80 -16.48 -9.22
C LEU A 166 5.09 -16.12 -7.76
N GLU A 167 4.97 -14.84 -7.42
CA GLU A 167 5.15 -14.37 -6.04
C GLU A 167 4.06 -14.93 -5.13
N LYS A 168 2.84 -15.05 -5.64
CA LYS A 168 1.76 -15.61 -4.85
C LYS A 168 2.05 -17.08 -4.56
N ALA A 169 2.49 -17.80 -5.61
CA ALA A 169 2.84 -19.23 -5.46
C ALA A 169 3.98 -19.37 -4.45
N TYR A 170 4.95 -18.47 -4.52
CA TYR A 170 6.04 -18.50 -3.58
C TYR A 170 5.58 -18.10 -2.17
N ALA A 171 4.66 -17.15 -2.06
CA ALA A 171 4.04 -16.84 -0.76
C ALA A 171 3.30 -18.07 -0.21
N LYS A 172 2.53 -18.75 -1.05
CA LYS A 172 1.90 -20.02 -0.63
C LYS A 172 2.95 -21.02 -0.14
N LEU A 173 4.07 -21.13 -0.86
CA LEU A 173 5.18 -22.02 -0.45
C LEU A 173 5.60 -21.74 0.97
N ASN A 174 5.68 -20.47 1.33
CA ASN A 174 6.08 -20.08 2.67
C ASN A 174 4.93 -19.84 3.65
N GLY A 175 3.71 -20.23 3.29
CA GLY A 175 2.56 -20.13 4.18
C GLY A 175 1.82 -18.79 4.27
N SER A 176 2.45 -17.68 3.83
CA SER A 176 1.83 -16.36 3.79
C SER A 176 2.64 -15.40 2.94
N TYR A 177 2.06 -14.25 2.58
CA TYR A 177 2.82 -13.16 1.97
C TYR A 177 3.79 -12.55 2.97
N GLU A 178 3.35 -12.39 4.21
CA GLU A 178 4.19 -11.90 5.30
C GLU A 178 5.50 -12.72 5.53
N ALA A 179 5.46 -14.03 5.32
CA ALA A 179 6.68 -14.85 5.46
C ALA A 179 7.75 -14.47 4.41
N LEU A 180 7.34 -13.77 3.34
CA LEU A 180 8.29 -13.32 2.34
C LEU A 180 9.04 -12.04 2.77
N LYS A 181 8.66 -11.46 3.91
CA LYS A 181 9.28 -10.22 4.40
C LYS A 181 10.61 -10.53 5.08
N GLY A 182 11.68 -10.07 4.46
CA GLY A 182 13.01 -10.32 4.94
C GLY A 182 13.42 -11.74 4.63
N GLY A 183 14.53 -11.90 3.92
CA GLY A 183 15.05 -13.22 3.58
C GLY A 183 16.40 -13.13 2.92
N SER A 184 16.81 -14.21 2.26
CA SER A 184 18.08 -14.22 1.53
C SER A 184 17.85 -14.60 0.07
N ALA A 185 18.55 -13.90 -0.81
CA ALA A 185 18.45 -14.15 -2.24
C ALA A 185 18.80 -15.60 -2.51
N ILE A 186 19.74 -16.13 -1.73
CA ILE A 186 20.20 -17.52 -1.86
C ILE A 186 19.05 -18.52 -1.69
N GLU A 187 18.16 -18.23 -0.75
CA GLU A 187 16.97 -19.04 -0.50
C GLU A 187 16.15 -19.15 -1.80
N ALA A 188 15.79 -18.01 -2.40
CA ALA A 188 15.02 -18.04 -3.63
C ALA A 188 15.86 -18.62 -4.78
N MET A 189 17.13 -18.19 -4.89
CA MET A 189 18.00 -18.69 -5.94
C MET A 189 18.07 -20.22 -5.94
N GLU A 190 18.33 -20.81 -4.77
CA GLU A 190 18.30 -22.26 -4.62
C GLU A 190 16.94 -22.86 -4.95
N ASP A 191 15.85 -22.24 -4.51
CA ASP A 191 14.51 -22.74 -4.80
C ASP A 191 14.19 -22.73 -6.31
N PHE A 192 14.84 -21.87 -7.08
CA PHE A 192 14.58 -21.83 -8.52
C PHE A 192 15.47 -22.77 -9.30
N THR A 193 16.55 -23.24 -8.69
CA THR A 193 17.59 -23.92 -9.44
C THR A 193 17.90 -25.33 -8.92
N GLY A 194 17.77 -25.54 -7.62
CA GLY A 194 18.25 -26.77 -7.00
C GLY A 194 19.76 -26.87 -6.92
N GLY A 195 20.44 -25.72 -7.06
CA GLY A 195 21.88 -25.60 -6.87
C GLY A 195 22.22 -25.15 -5.46
N VAL A 196 23.52 -25.00 -5.19
CA VAL A 196 23.97 -24.46 -3.89
C VAL A 196 24.71 -23.15 -4.16
N ALA A 197 24.41 -22.16 -3.34
CA ALA A 197 24.85 -20.81 -3.60
C ALA A 197 26.19 -20.59 -2.96
N GLU A 198 27.06 -19.91 -3.67
CA GLU A 198 28.36 -19.54 -3.17
C GLU A 198 28.32 -18.04 -2.86
N THR A 199 28.95 -17.63 -1.77
CA THR A 199 28.98 -16.22 -1.43
C THR A 199 30.39 -15.72 -1.60
N PHE A 200 30.50 -14.61 -2.27
CA PHE A 200 31.74 -13.97 -2.42
C PHE A 200 31.61 -12.69 -1.70
N GLN A 201 32.75 -12.24 -1.31
CA GLN A 201 32.80 -11.18 -0.42
C GLN A 201 33.63 -10.20 -1.20
N THR A 202 33.09 -9.00 -1.35
CA THR A 202 33.45 -8.12 -2.46
C THR A 202 34.90 -7.60 -2.42
N LYS A 203 35.41 -7.33 -1.21
CA LYS A 203 36.70 -6.67 -1.04
C LYS A 203 37.81 -7.66 -0.74
N GLU A 204 37.47 -8.94 -0.56
CA GLU A 204 38.44 -10.00 -0.46
C GLU A 204 38.08 -11.08 -1.46
N ALA A 205 37.95 -10.69 -2.72
CA ALA A 205 37.59 -11.61 -3.80
C ALA A 205 38.84 -11.98 -4.58
N PRO A 206 38.80 -13.10 -5.31
CA PRO A 206 39.99 -13.47 -6.06
C PRO A 206 40.43 -12.39 -7.07
N GLU A 207 41.70 -12.44 -7.45
CA GLU A 207 42.20 -11.58 -8.49
C GLU A 207 41.36 -11.68 -9.78
N ASN A 208 40.88 -12.88 -10.11
CA ASN A 208 40.07 -13.08 -11.32
C ASN A 208 38.54 -12.98 -11.11
N PHE A 209 38.12 -12.29 -10.05
CA PHE A 209 36.69 -12.15 -9.67
C PHE A 209 35.76 -11.69 -10.81
N TYR A 210 36.22 -10.71 -11.58
CA TYR A 210 35.50 -10.25 -12.74
C TYR A 210 35.20 -11.39 -13.75
N GLU A 211 36.26 -12.10 -14.15
CA GLU A 211 36.14 -13.31 -15.01
C GLU A 211 35.20 -14.38 -14.41
N ILE A 212 35.28 -14.59 -13.09
CA ILE A 212 34.38 -15.54 -12.42
C ILE A 212 32.92 -15.13 -12.65
N LEU A 213 32.60 -13.84 -12.49
CA LEU A 213 31.23 -13.35 -12.68
C LEU A 213 30.78 -13.36 -14.15
N GLU A 214 31.61 -12.82 -15.03
CA GLU A 214 31.41 -12.94 -16.47
C GLU A 214 31.07 -14.38 -16.90
N LYS A 215 31.86 -15.35 -16.46
CA LYS A 215 31.66 -16.73 -16.89
C LYS A 215 30.41 -17.35 -16.24
N ALA A 216 30.16 -16.98 -14.98
CA ALA A 216 28.92 -17.39 -14.26
C ALA A 216 27.66 -16.88 -14.99
N LEU A 217 27.68 -15.60 -15.33
CA LEU A 217 26.56 -14.99 -16.03
C LEU A 217 26.33 -15.70 -17.37
N LYS A 218 27.41 -15.93 -18.10
CA LYS A 218 27.34 -16.56 -19.42
C LYS A 218 26.77 -17.98 -19.39
N ARG A 219 27.11 -18.80 -18.41
CA ARG A 219 26.51 -20.14 -18.35
C ARG A 219 25.16 -20.14 -17.63
N GLY A 220 24.56 -18.96 -17.42
CA GLY A 220 23.19 -18.85 -16.93
C GLY A 220 22.98 -18.85 -15.42
N SER A 221 24.07 -18.86 -14.64
CA SER A 221 23.97 -18.79 -13.17
C SER A 221 23.25 -17.53 -12.67
N LEU A 222 22.54 -17.65 -11.55
CA LEU A 222 21.89 -16.51 -10.94
C LEU A 222 22.89 -15.74 -10.09
N LEU A 223 23.05 -14.46 -10.40
CA LEU A 223 23.94 -13.59 -9.63
C LEU A 223 23.16 -12.51 -8.89
N GLY A 224 23.50 -12.34 -7.61
CA GLY A 224 23.04 -11.23 -6.79
C GLY A 224 24.14 -10.54 -6.01
N CYS A 225 23.80 -9.43 -5.38
CA CYS A 225 24.78 -8.71 -4.60
C CYS A 225 24.08 -7.74 -3.67
N PHE A 226 24.76 -7.30 -2.63
CA PHE A 226 24.11 -6.41 -1.68
C PHE A 226 25.08 -5.64 -0.79
N ILE A 227 24.58 -4.60 -0.15
CA ILE A 227 25.40 -3.81 0.75
C ILE A 227 25.10 -4.28 2.16
N ASP A 228 26.12 -4.54 2.98
CA ASP A 228 25.88 -4.97 4.37
C ASP A 228 25.29 -3.82 5.16
N THR A 229 24.43 -4.18 6.09
CA THR A 229 23.81 -3.25 7.00
C THR A 229 24.53 -3.44 8.33
N ARG A 230 25.12 -2.37 8.87
CA ARG A 230 25.86 -2.45 10.16
C ARG A 230 24.92 -2.75 11.34
N SER A 231 23.71 -2.22 11.28
CA SER A 231 22.69 -2.48 12.29
C SER A 231 21.30 -2.55 11.65
N ALA A 232 20.36 -3.16 12.37
CA ALA A 232 18.96 -3.20 11.93
C ALA A 232 18.40 -1.79 11.62
N ALA A 233 18.92 -0.78 12.31
CA ALA A 233 18.59 0.63 12.05
C ALA A 233 18.89 1.12 10.61
N GLU A 234 19.83 0.45 9.95
CA GLU A 234 20.35 0.87 8.67
C GLU A 234 19.60 0.27 7.47
N SER A 235 18.83 -0.81 7.71
CA SER A 235 18.00 -1.52 6.71
C SER A 235 17.23 -0.60 5.77
N GLU A 236 17.51 -0.73 4.46
CA GLU A 236 16.79 0.01 3.43
C GLU A 236 17.16 1.51 3.37
N ALA A 237 18.31 1.87 3.93
CA ALA A 237 18.78 3.25 3.91
C ALA A 237 19.33 3.57 2.53
N ARG A 238 18.89 4.71 1.97
CA ARG A 238 19.41 5.19 0.71
C ARG A 238 20.73 5.92 0.92
N THR A 239 21.80 5.43 0.29
CA THR A 239 23.09 6.12 0.36
C THR A 239 23.05 7.34 -0.60
N PRO A 240 23.96 8.32 -0.40
CA PRO A 240 23.97 9.52 -1.27
C PRO A 240 24.18 9.20 -2.74
N PHE A 241 24.81 8.04 -3.01
CA PHE A 241 25.05 7.53 -4.37
C PHE A 241 23.80 6.89 -5.02
N GLY A 242 22.67 6.90 -4.33
CA GLY A 242 21.41 6.35 -4.85
C GLY A 242 21.24 4.84 -4.71
N LEU A 243 22.11 4.23 -3.89
CA LEU A 243 22.06 2.77 -3.61
C LEU A 243 21.30 2.49 -2.32
N ILE A 244 20.76 1.29 -2.20
CA ILE A 244 19.99 0.88 -1.01
C ILE A 244 20.77 -0.15 -0.19
N LYS A 245 20.86 0.11 1.12
CA LYS A 245 21.52 -0.82 2.05
C LYS A 245 20.58 -1.95 2.48
N GLY A 246 21.14 -3.14 2.72
CA GLY A 246 20.39 -4.31 3.17
C GLY A 246 19.29 -4.73 2.19
N HIS A 247 19.59 -4.69 0.90
CA HIS A 247 18.60 -4.74 -0.17
C HIS A 247 19.17 -5.63 -1.27
N ALA A 248 18.47 -6.72 -1.59
CA ALA A 248 18.92 -7.62 -2.65
C ALA A 248 18.82 -6.90 -4.02
N TYR A 249 19.95 -6.90 -4.74
CA TYR A 249 20.02 -6.49 -6.17
C TYR A 249 20.35 -7.73 -7.02
N SER A 250 19.87 -7.71 -8.26
CA SER A 250 20.23 -8.66 -9.30
C SER A 250 21.45 -8.14 -10.04
N VAL A 251 22.45 -9.00 -10.24
CA VAL A 251 23.52 -8.70 -11.15
C VAL A 251 23.02 -9.23 -12.49
N THR A 252 22.94 -8.36 -13.51
CA THR A 252 22.28 -8.71 -14.79
C THR A 252 23.14 -8.59 -16.05
N GLY A 253 24.36 -8.11 -15.88
CA GLY A 253 25.28 -7.84 -16.99
C GLY A 253 26.74 -7.70 -16.57
N ILE A 254 27.63 -8.21 -17.40
CA ILE A 254 29.08 -8.05 -17.23
C ILE A 254 29.66 -7.69 -18.60
N ASP A 255 30.34 -6.53 -18.68
CA ASP A 255 30.83 -6.02 -19.96
C ASP A 255 31.91 -4.93 -19.83
N GLN A 256 32.32 -4.37 -20.97
CA GLN A 256 33.48 -3.53 -21.02
C GLN A 256 33.24 -2.40 -22.02
N VAL A 257 33.91 -1.27 -21.81
CA VAL A 257 33.99 -0.23 -22.83
C VAL A 257 35.36 0.39 -22.83
N SER A 258 35.67 1.05 -23.93
CA SER A 258 36.85 1.86 -24.03
C SER A 258 36.52 3.25 -23.47
N PHE A 259 37.31 3.70 -22.49
CA PHE A 259 37.15 5.03 -21.88
C PHE A 259 38.49 5.71 -21.60
N ARG A 260 38.72 6.89 -22.20
CA ARG A 260 40.05 7.54 -22.26
C ARG A 260 41.05 6.57 -22.84
N GLY A 261 40.64 5.80 -23.84
CA GLY A 261 41.53 4.82 -24.47
C GLY A 261 42.02 3.63 -23.65
N GLN A 262 41.33 3.33 -22.54
CA GLN A 262 41.63 2.17 -21.72
C GLN A 262 40.41 1.27 -21.75
N ARG A 263 40.57 -0.03 -21.60
CA ARG A 263 39.42 -0.89 -21.38
C ARG A 263 38.97 -0.69 -19.93
N ILE A 264 37.68 -0.43 -19.72
CA ILE A 264 37.08 -0.26 -18.37
C ILE A 264 36.08 -1.37 -18.16
N GLU A 265 36.27 -2.12 -17.09
CA GLU A 265 35.41 -3.23 -16.76
C GLU A 265 34.14 -2.70 -16.12
N LEU A 266 32.99 -2.99 -16.76
CA LEU A 266 31.69 -2.53 -16.24
C LEU A 266 30.90 -3.71 -15.71
N ILE A 267 30.00 -3.45 -14.75
CA ILE A 267 29.02 -4.47 -14.26
C ILE A 267 27.62 -3.84 -14.25
N ARG A 268 26.61 -4.59 -14.70
CA ARG A 268 25.22 -4.08 -14.70
C ARG A 268 24.42 -4.70 -13.57
N ILE A 269 23.73 -3.84 -12.82
CA ILE A 269 23.02 -4.20 -11.59
C ILE A 269 21.54 -3.76 -11.69
N ARG A 270 20.60 -4.51 -11.09
CA ARG A 270 19.18 -4.11 -11.14
C ARG A 270 18.52 -4.10 -9.78
N ASN A 271 17.95 -2.95 -9.42
CA ASN A 271 17.12 -2.82 -8.23
C ASN A 271 15.76 -3.52 -8.47
N PRO A 272 15.41 -4.52 -7.63
CA PRO A 272 14.10 -5.18 -7.78
C PRO A 272 12.86 -4.27 -7.62
N TRP A 273 13.05 -3.10 -7.04
CA TRP A 273 12.02 -2.04 -7.06
C TRP A 273 11.63 -1.59 -8.47
N GLY A 274 12.50 -1.80 -9.45
CA GLY A 274 12.28 -1.29 -10.81
C GLY A 274 12.52 0.20 -10.97
N GLN A 275 13.30 0.79 -10.07
CA GLN A 275 13.53 2.24 -10.01
C GLN A 275 14.50 2.52 -8.87
N VAL A 276 15.02 3.74 -8.83
CA VAL A 276 16.01 4.21 -7.84
C VAL A 276 17.35 3.52 -8.08
N GLU A 277 18.30 4.34 -8.54
CA GLU A 277 19.52 3.86 -9.16
C GLU A 277 20.72 4.63 -8.67
N TRP A 278 21.87 3.95 -8.70
CA TRP A 278 23.21 4.56 -8.70
C TRP A 278 23.28 5.91 -9.42
N ASN A 279 24.01 6.85 -8.83
CA ASN A 279 24.14 8.17 -9.45
C ASN A 279 25.59 8.65 -9.73
N GLY A 280 26.56 7.73 -9.69
CA GLY A 280 27.95 8.02 -10.04
C GLY A 280 28.35 7.57 -11.44
N SER A 281 29.64 7.35 -11.64
CA SER A 281 30.20 6.95 -12.94
C SER A 281 29.45 5.81 -13.63
N TRP A 282 29.03 6.06 -14.88
CA TRP A 282 28.34 5.07 -15.75
C TRP A 282 26.86 4.88 -15.40
N SER A 283 26.39 5.66 -14.41
CA SER A 283 24.95 5.78 -14.17
C SER A 283 24.31 6.42 -15.40
N ASP A 284 22.98 6.39 -15.44
CA ASP A 284 22.21 6.69 -16.65
C ASP A 284 22.53 8.03 -17.33
N SER A 285 22.79 9.06 -16.54
CA SER A 285 22.98 10.40 -17.07
C SER A 285 24.35 10.98 -16.77
N SER A 286 25.30 10.11 -16.42
CA SER A 286 26.68 10.54 -16.07
C SER A 286 27.48 10.99 -17.29
N PRO A 287 28.46 11.90 -17.09
CA PRO A 287 29.27 12.35 -18.23
C PRO A 287 29.91 11.22 -19.02
N GLU A 288 30.37 10.18 -18.36
CA GLU A 288 31.08 9.08 -19.04
C GLU A 288 30.47 8.63 -20.39
N TRP A 289 29.14 8.65 -20.49
CA TRP A 289 28.41 8.16 -21.67
C TRP A 289 28.53 9.03 -22.93
N ARG A 290 28.59 10.35 -22.73
CA ARG A 290 28.80 11.33 -23.84
C ARG A 290 30.02 11.03 -24.73
N SER A 291 31.01 10.31 -24.19
CA SER A 291 32.18 9.87 -24.95
C SER A 291 32.15 8.36 -25.21
N VAL A 292 30.95 7.79 -25.36
CA VAL A 292 30.81 6.41 -25.85
C VAL A 292 29.85 6.50 -27.03
N GLY A 293 30.30 6.00 -28.17
CA GLY A 293 29.55 6.15 -29.42
C GLY A 293 28.29 5.34 -29.42
N PRO A 294 27.41 5.58 -30.40
CA PRO A 294 26.13 4.89 -30.49
C PRO A 294 26.20 3.37 -30.74
N ALA A 295 27.17 2.90 -31.51
CA ALA A 295 27.28 1.46 -31.72
C ALA A 295 27.57 0.77 -30.39
N GLU A 296 28.59 1.28 -29.70
CA GLU A 296 29.07 0.71 -28.45
C GLU A 296 28.00 0.79 -27.36
N GLN A 297 27.17 1.79 -27.51
CA GLN A 297 26.18 2.13 -26.52
C GLN A 297 24.90 1.31 -26.71
N LYS A 298 24.56 1.07 -27.97
CA LYS A 298 23.48 0.15 -28.34
C LYS A 298 23.83 -1.30 -27.94
N ARG A 299 25.12 -1.62 -27.96
CA ARG A 299 25.55 -2.98 -27.59
C ARG A 299 25.42 -3.21 -26.10
N LEU A 300 25.68 -2.17 -25.31
CA LEU A 300 25.54 -2.25 -23.86
C LEU A 300 24.11 -1.98 -23.42
N CYS A 301 23.22 -1.66 -24.37
CA CYS A 301 21.82 -1.31 -24.12
C CYS A 301 21.66 -0.14 -23.15
N HIS A 302 22.55 0.83 -23.23
CA HIS A 302 22.46 2.01 -22.41
C HIS A 302 21.30 2.91 -22.83
N THR A 303 20.47 3.28 -21.85
CA THR A 303 19.42 4.26 -22.02
C THR A 303 19.21 4.99 -20.68
N ALA A 304 18.68 6.21 -20.75
CA ALA A 304 18.28 6.95 -19.55
C ALA A 304 16.86 6.57 -19.18
N LEU A 305 16.70 5.74 -18.16
CA LEU A 305 15.38 5.31 -17.68
C LEU A 305 15.50 4.98 -16.22
N ASP A 306 14.60 5.49 -15.39
CA ASP A 306 14.51 5.06 -14.00
C ASP A 306 13.76 3.72 -13.94
N ASP A 307 14.43 2.67 -14.43
CA ASP A 307 13.92 1.31 -14.49
C ASP A 307 14.58 0.36 -13.45
N GLY A 308 15.50 0.90 -12.64
CA GLY A 308 16.19 0.14 -11.59
C GLY A 308 17.49 -0.48 -12.08
N GLU A 309 17.74 -0.41 -13.38
CA GLU A 309 18.91 -1.04 -13.97
C GLU A 309 19.95 0.01 -14.38
N PHE A 310 21.18 -0.19 -13.91
CA PHE A 310 22.26 0.73 -14.18
C PHE A 310 23.57 -0.02 -14.33
N TRP A 311 24.50 0.59 -15.06
CA TRP A 311 25.88 0.18 -15.12
C TRP A 311 26.70 0.85 -14.02
N MET A 312 27.76 0.16 -13.60
CA MET A 312 28.81 0.66 -12.71
C MET A 312 30.17 0.21 -13.23
N ALA A 313 31.20 0.97 -12.92
CA ALA A 313 32.57 0.50 -13.03
C ALA A 313 32.74 -0.63 -12.00
N PHE A 314 33.32 -1.73 -12.43
CA PHE A 314 33.50 -2.85 -11.55
C PHE A 314 34.28 -2.47 -10.29
N LYS A 315 35.24 -1.53 -10.42
CA LYS A 315 36.03 -1.03 -9.30
C LYS A 315 35.13 -0.40 -8.24
N ASP A 316 34.22 0.47 -8.69
CA ASP A 316 33.24 1.16 -7.81
C ASP A 316 32.23 0.17 -7.20
N PHE A 317 31.81 -0.81 -7.99
CA PHE A 317 30.93 -1.88 -7.52
C PHE A 317 31.53 -2.62 -6.33
N LYS A 318 32.79 -3.02 -6.50
CA LYS A 318 33.50 -3.73 -5.46
C LYS A 318 33.59 -2.87 -4.17
N ALA A 319 33.69 -1.55 -4.34
CA ALA A 319 33.92 -0.64 -3.22
C ALA A 319 32.63 -0.37 -2.47
N HIS A 320 31.53 -0.30 -3.24
CA HIS A 320 30.24 0.13 -2.71
C HIS A 320 29.45 -1.03 -2.19
N PHE A 321 29.52 -2.15 -2.88
CA PHE A 321 28.81 -3.36 -2.45
C PHE A 321 29.73 -4.20 -1.56
N ASP A 322 29.13 -5.08 -0.77
CA ASP A 322 29.86 -5.90 0.18
C ASP A 322 29.78 -7.41 -0.16
N LYS A 323 28.63 -7.87 -0.66
CA LYS A 323 28.45 -9.31 -0.97
C LYS A 323 27.98 -9.57 -2.39
N VAL A 324 28.49 -10.62 -2.98
CA VAL A 324 27.95 -11.20 -4.22
C VAL A 324 27.62 -12.71 -4.05
N GLU A 325 26.42 -13.12 -4.46
CA GLU A 325 26.05 -14.54 -4.48
C GLU A 325 26.01 -15.09 -5.90
N ILE A 326 26.59 -16.28 -6.10
CA ILE A 326 26.45 -17.00 -7.34
C ILE A 326 25.78 -18.34 -7.04
N CYS A 327 24.76 -18.65 -7.81
CA CYS A 327 24.07 -19.90 -7.71
C CYS A 327 24.03 -20.53 -9.11
N ASN A 328 24.68 -21.67 -9.29
CA ASN A 328 24.77 -22.28 -10.62
C ASN A 328 23.56 -23.09 -10.88
N LEU A 329 23.21 -23.25 -12.15
CA LEU A 329 22.10 -24.12 -12.50
C LEU A 329 22.63 -25.51 -12.47
N THR A 330 21.69 -26.45 -12.48
CA THR A 330 21.99 -27.85 -12.78
C THR A 330 20.73 -28.58 -13.15
N ALA B 12 -6.15 31.36 18.38
CA ALA B 12 -5.60 30.10 17.80
C ALA B 12 -4.08 30.18 17.79
N ARG B 13 -3.45 29.45 18.70
CA ARG B 13 -2.04 29.67 19.06
C ARG B 13 -1.03 29.22 17.99
N ILE B 14 -0.04 30.09 17.72
CA ILE B 14 1.05 29.74 16.82
C ILE B 14 1.86 28.60 17.44
N THR B 15 2.33 27.70 16.60
CA THR B 15 3.02 26.50 17.08
C THR B 15 4.37 26.25 16.37
N HIS B 16 4.68 27.06 15.37
CA HIS B 16 5.87 26.90 14.54
C HIS B 16 7.13 27.43 15.25
N SER B 17 8.26 26.75 15.04
CA SER B 17 9.53 27.11 15.68
C SER B 17 10.04 28.48 15.26
N SER B 18 9.67 28.90 14.06
CA SER B 18 9.98 30.24 13.55
C SER B 18 9.28 31.39 14.28
N GLY B 19 8.23 31.09 15.04
CA GLY B 19 7.44 32.12 15.73
C GLY B 19 6.48 32.87 14.83
N GLN B 20 6.59 32.61 13.52
CA GLN B 20 5.83 33.31 12.49
C GLN B 20 4.44 32.70 12.35
N SER B 21 3.50 33.50 11.85
CA SER B 21 2.15 33.04 11.58
C SER B 21 2.06 32.34 10.21
N PHE B 22 0.93 31.69 9.98
CA PHE B 22 0.56 31.14 8.68
C PHE B 22 0.63 32.19 7.57
N GLU B 23 0.04 33.35 7.84
CA GLU B 23 0.01 34.44 6.87
C GLU B 23 1.42 34.96 6.59
N GLN B 24 2.25 35.07 7.64
CA GLN B 24 3.62 35.59 7.50
C GLN B 24 4.51 34.68 6.68
N MET B 25 4.43 33.38 6.93
CA MET B 25 5.22 32.45 6.16
C MET B 25 4.72 32.43 4.72
N ARG B 26 3.40 32.54 4.52
CA ARG B 26 2.79 32.52 3.17
C ARG B 26 3.20 33.74 2.34
N GLN B 27 3.05 34.94 2.90
CA GLN B 27 3.51 36.16 2.23
C GLN B 27 5.02 36.11 1.95
N GLU B 28 5.81 35.65 2.90
CA GLU B 28 7.25 35.51 2.66
C GLU B 28 7.56 34.58 1.48
N CYS B 29 6.81 33.50 1.34
CA CYS B 29 7.02 32.54 0.27
C CYS B 29 6.69 33.12 -1.11
N LEU B 30 5.51 33.72 -1.27
CA LEU B 30 5.19 34.28 -2.58
C LEU B 30 5.90 35.60 -2.86
N GLN B 31 6.41 36.29 -1.82
CA GLN B 31 7.36 37.41 -1.98
C GLN B 31 8.62 36.97 -2.74
N ARG B 32 9.14 35.80 -2.38
CA ARG B 32 10.31 35.20 -3.02
C ARG B 32 9.99 34.29 -4.22
N GLY B 33 8.71 34.03 -4.46
CA GLY B 33 8.25 33.18 -5.57
C GLY B 33 8.57 31.70 -5.38
N THR B 34 8.56 31.24 -4.14
CA THR B 34 8.95 29.86 -3.82
C THR B 34 7.77 29.09 -3.19
N LEU B 35 8.02 27.83 -2.84
CA LEU B 35 7.00 27.01 -2.16
C LEU B 35 7.49 26.68 -0.76
N PHE B 36 6.56 26.69 0.19
CA PHE B 36 6.88 26.54 1.62
C PHE B 36 7.31 25.13 1.99
N GLU B 37 8.50 25.04 2.57
CA GLU B 37 8.96 23.81 3.18
C GLU B 37 8.89 24.01 4.70
N ASP B 38 8.27 23.06 5.37
CA ASP B 38 8.04 23.11 6.80
C ASP B 38 9.30 22.57 7.48
N ALA B 39 10.03 23.43 8.17
CA ALA B 39 11.18 22.99 8.99
C ALA B 39 10.78 21.95 10.05
N ASP B 40 9.60 22.10 10.67
CA ASP B 40 9.22 21.29 11.85
C ASP B 40 8.67 19.90 11.54
N PHE B 41 8.35 19.66 10.27
CA PHE B 41 7.82 18.36 9.86
C PHE B 41 8.27 18.08 8.44
N PRO B 42 9.55 17.70 8.27
CA PRO B 42 10.11 17.63 6.94
C PRO B 42 9.53 16.50 6.09
N ALA B 43 9.52 16.70 4.78
CA ALA B 43 9.17 15.64 3.83
C ALA B 43 10.24 14.55 3.83
N SER B 44 10.28 13.73 4.88
CA SER B 44 11.34 12.74 5.07
C SER B 44 10.90 11.62 6.01
N ASN B 45 11.63 10.52 5.99
CA ASN B 45 11.30 9.31 6.78
C ASN B 45 10.93 9.59 8.24
N SER B 46 11.65 10.51 8.89
CA SER B 46 11.34 10.85 10.28
C SER B 46 9.85 11.25 10.43
N SER B 47 9.33 11.98 9.44
CA SER B 47 7.91 12.36 9.41
C SER B 47 6.98 11.18 9.09
N LEU B 48 7.47 10.19 8.36
CA LEU B 48 6.70 8.96 8.11
C LEU B 48 6.72 7.95 9.26
N PHE B 49 7.85 7.36 9.59
CA PHE B 49 7.88 6.27 10.58
C PHE B 49 8.86 6.48 11.74
N TYR B 50 8.80 5.64 12.76
CA TYR B 50 9.89 5.62 13.71
C TYR B 50 10.47 4.28 14.07
N SER B 51 9.89 3.21 13.59
CA SER B 51 10.66 2.04 13.36
C SER B 51 10.14 1.51 12.08
N GLU B 52 11.04 1.15 11.20
CA GLU B 52 11.49 2.05 10.18
C GLU B 52 11.26 1.35 8.88
N ARG B 53 12.11 1.59 7.91
CA ARG B 53 11.79 2.48 6.82
C ARG B 53 10.65 1.81 6.12
N PRO B 54 10.12 2.41 5.09
CA PRO B 54 9.16 1.68 4.28
C PRO B 54 9.90 0.75 3.36
N GLN B 55 9.24 -0.32 2.97
CA GLN B 55 9.92 -1.36 2.22
C GLN B 55 9.90 -1.01 0.75
N ILE B 56 9.58 0.26 0.52
CA ILE B 56 9.22 0.75 -0.79
C ILE B 56 9.49 2.27 -0.85
N PRO B 57 9.90 2.79 -2.02
CA PRO B 57 10.29 4.21 -2.10
C PRO B 57 9.15 5.24 -2.21
N PHE B 58 8.63 5.69 -1.07
CA PHE B 58 7.67 6.81 -1.04
C PHE B 58 8.36 8.04 -1.49
N VAL B 59 7.77 8.75 -2.46
CA VAL B 59 8.30 10.04 -2.87
C VAL B 59 7.26 11.06 -2.43
N TRP B 60 7.74 12.17 -1.87
CA TRP B 60 6.85 13.22 -1.40
C TRP B 60 6.54 14.19 -2.52
N LYS B 61 5.26 14.35 -2.82
CA LYS B 61 4.83 15.19 -3.94
C LYS B 61 3.80 16.19 -3.47
N ARG B 62 3.98 17.45 -3.86
CA ARG B 62 2.90 18.41 -3.75
C ARG B 62 1.74 17.93 -4.64
N PRO B 63 0.50 18.36 -4.33
CA PRO B 63 -0.67 17.99 -5.12
C PRO B 63 -0.56 18.33 -6.60
N GLY B 64 0.10 19.45 -6.92
CA GLY B 64 0.40 19.84 -8.30
C GLY B 64 1.28 18.85 -9.04
N GLU B 65 2.21 18.22 -8.33
CA GLU B 65 3.08 17.20 -8.92
C GLU B 65 2.39 15.83 -9.07
N ILE B 66 1.28 15.64 -8.35
CA ILE B 66 0.47 14.42 -8.36
C ILE B 66 -0.60 14.48 -9.43
N VAL B 67 -1.36 15.56 -9.42
CA VAL B 67 -2.49 15.76 -10.32
C VAL B 67 -2.35 17.13 -10.99
N LYS B 68 -2.82 17.25 -12.22
CA LYS B 68 -2.66 18.49 -12.97
C LYS B 68 -3.44 19.68 -12.41
N ASN B 69 -4.71 19.48 -12.08
CA ASN B 69 -5.57 20.56 -11.55
C ASN B 69 -5.96 20.27 -10.10
N PRO B 70 -5.01 20.41 -9.16
CA PRO B 70 -5.33 20.10 -7.76
C PRO B 70 -6.30 21.11 -7.17
N GLU B 71 -7.16 20.65 -6.26
CA GLU B 71 -8.02 21.57 -5.53
C GLU B 71 -8.22 21.12 -4.08
N PHE B 72 -8.37 22.09 -3.18
CA PHE B 72 -8.44 21.85 -1.75
C PHE B 72 -9.77 21.18 -1.40
N ILE B 73 -10.87 21.85 -1.76
CA ILE B 73 -12.21 21.34 -1.50
C ILE B 73 -13.00 21.24 -2.81
N LEU B 74 -13.73 20.15 -2.99
CA LEU B 74 -14.60 19.94 -4.19
C LEU B 74 -15.89 19.19 -3.82
N GLY B 75 -17.05 19.73 -4.22
CA GLY B 75 -18.36 19.20 -3.80
C GLY B 75 -18.62 19.40 -2.33
N GLY B 76 -17.95 20.39 -1.72
CA GLY B 76 -17.97 20.54 -0.27
C GLY B 76 -16.95 19.64 0.40
N ALA B 77 -16.74 19.87 1.70
CA ALA B 77 -15.87 19.04 2.51
C ALA B 77 -16.75 18.04 3.23
N THR B 78 -16.94 16.89 2.62
CA THR B 78 -17.97 15.96 3.06
C THR B 78 -17.32 14.65 3.50
N ARG B 79 -18.12 13.78 4.08
CA ARG B 79 -17.64 12.50 4.57
C ARG B 79 -17.25 11.52 3.43
N THR B 80 -17.75 11.75 2.22
CA THR B 80 -17.35 10.95 1.06
C THR B 80 -15.89 11.22 0.68
N ASP B 81 -15.29 12.24 1.28
CA ASP B 81 -13.91 12.57 1.00
C ASP B 81 -12.95 11.88 1.96
N ILE B 82 -13.49 11.09 2.87
CA ILE B 82 -12.69 10.41 3.87
C ILE B 82 -12.60 8.90 3.53
N CYS B 83 -11.71 8.58 2.59
CA CYS B 83 -11.31 7.19 2.29
C CYS B 83 -9.91 6.87 2.84
N GLN B 84 -9.87 5.96 3.78
CA GLN B 84 -8.65 5.65 4.46
C GLN B 84 -7.55 5.06 3.56
N GLY B 85 -6.32 5.50 3.78
CA GLY B 85 -5.17 4.89 3.12
C GLY B 85 -4.55 3.80 3.99
N GLU B 86 -3.25 3.63 3.83
CA GLU B 86 -2.56 2.46 4.42
C GLU B 86 -2.10 2.74 5.83
N LEU B 87 -3.04 2.95 6.71
CA LEU B 87 -2.73 3.40 8.04
C LEU B 87 -3.92 3.14 8.93
N GLY B 88 -3.67 2.57 10.10
CA GLY B 88 -4.73 2.20 11.02
C GLY B 88 -5.20 3.37 11.88
N ASP B 89 -5.62 4.44 11.20
CA ASP B 89 -6.17 5.61 11.88
C ASP B 89 -7.67 5.83 11.60
N CYS B 90 -8.43 4.74 11.54
CA CYS B 90 -9.90 4.76 11.52
C CYS B 90 -10.50 5.72 12.57
N TRP B 91 -10.00 5.64 13.81
CA TRP B 91 -10.41 6.54 14.91
C TRP B 91 -10.38 8.03 14.52
N LEU B 92 -9.33 8.47 13.84
CA LEU B 92 -9.20 9.88 13.49
C LEU B 92 -10.17 10.19 12.35
N LEU B 93 -10.24 9.26 11.38
CA LEU B 93 -11.04 9.42 10.18
C LEU B 93 -12.53 9.38 10.48
N ALA B 94 -12.94 8.41 11.28
CA ALA B 94 -14.31 8.37 11.82
C ALA B 94 -14.71 9.72 12.45
N ALA B 95 -13.81 10.27 13.27
CA ALA B 95 -13.97 11.61 13.81
C ALA B 95 -14.11 12.71 12.75
N ILE B 96 -13.23 12.72 11.73
CA ILE B 96 -13.28 13.74 10.65
C ILE B 96 -14.62 13.68 9.93
N ALA B 97 -15.04 12.47 9.59
CA ALA B 97 -16.28 12.24 8.86
C ALA B 97 -17.45 12.71 9.71
N SER B 98 -17.42 12.35 10.99
CA SER B 98 -18.41 12.80 11.95
C SER B 98 -18.44 14.33 11.94
N LEU B 99 -17.26 14.94 11.94
CA LEU B 99 -17.11 16.40 11.97
C LEU B 99 -17.73 17.07 10.73
N THR B 100 -17.66 16.40 9.59
CA THR B 100 -18.18 16.98 8.35
C THR B 100 -19.68 17.30 8.38
N LEU B 101 -20.46 16.62 9.24
CA LEU B 101 -21.92 16.85 9.34
C LEU B 101 -22.33 18.12 10.11
N ASN B 102 -21.38 18.79 10.74
CA ASN B 102 -21.58 20.06 11.43
C ASN B 102 -20.63 21.07 10.78
N GLN B 103 -21.13 21.80 9.78
CA GLN B 103 -20.28 22.67 8.97
C GLN B 103 -19.60 23.80 9.76
N LYS B 104 -20.27 24.34 10.77
CA LYS B 104 -19.66 25.37 11.62
C LYS B 104 -18.48 24.80 12.42
N ALA B 105 -18.68 23.64 13.04
CA ALA B 105 -17.60 22.97 13.75
C ALA B 105 -16.40 22.71 12.84
N LEU B 106 -16.68 22.21 11.64
CA LEU B 106 -15.65 21.91 10.63
C LEU B 106 -14.88 23.16 10.20
N ALA B 107 -15.57 24.28 10.03
CA ALA B 107 -14.88 25.56 9.73
C ALA B 107 -13.89 26.00 10.81
N ARG B 108 -14.09 25.54 12.04
CA ARG B 108 -13.20 25.92 13.13
C ARG B 108 -11.91 25.11 13.05
N VAL B 109 -11.97 23.93 12.44
CA VAL B 109 -10.78 23.11 12.26
C VAL B 109 -10.07 23.46 10.93
N ILE B 110 -10.86 23.78 9.90
CA ILE B 110 -10.33 24.11 8.59
C ILE B 110 -10.59 25.59 8.29
N PRO B 111 -9.55 26.46 8.42
CA PRO B 111 -9.57 27.87 7.99
C PRO B 111 -10.09 28.10 6.59
N GLN B 112 -10.69 29.27 6.41
CA GLN B 112 -11.72 29.48 5.42
C GLN B 112 -11.26 29.61 3.94
N ASP B 113 -10.18 30.34 3.67
CA ASP B 113 -9.93 30.70 2.26
C ASP B 113 -8.75 30.00 1.58
N GLN B 114 -8.61 28.71 1.90
CA GLN B 114 -7.46 27.96 1.44
C GLN B 114 -7.78 27.28 0.10
N SER B 115 -6.82 27.35 -0.83
CA SER B 115 -7.02 26.83 -2.18
C SER B 115 -5.67 26.75 -2.93
N PHE B 116 -5.70 26.30 -4.18
CA PHE B 116 -4.50 26.32 -5.01
C PHE B 116 -4.54 27.46 -6.02
N GLY B 117 -5.46 28.40 -5.84
CA GLY B 117 -5.64 29.53 -6.73
C GLY B 117 -4.64 30.64 -6.43
N PRO B 118 -5.02 31.89 -6.74
CA PRO B 118 -4.15 33.03 -6.34
C PRO B 118 -3.88 33.09 -4.82
N GLY B 119 -2.62 33.28 -4.47
CA GLY B 119 -2.19 33.23 -3.08
C GLY B 119 -1.71 31.86 -2.63
N TYR B 120 -1.72 30.86 -3.52
CA TYR B 120 -1.16 29.53 -3.18
C TYR B 120 0.36 29.60 -3.11
N ALA B 121 0.95 29.01 -2.06
CA ALA B 121 2.40 29.00 -1.84
C ALA B 121 2.89 27.71 -1.16
N GLY B 122 2.18 26.62 -1.41
CA GLY B 122 2.51 25.31 -0.84
C GLY B 122 2.33 25.23 0.66
N ILE B 123 1.48 26.07 1.21
CA ILE B 123 1.32 26.14 2.66
C ILE B 123 -0.16 26.17 3.06
N PHE B 124 -0.52 25.25 3.96
CA PHE B 124 -1.86 25.13 4.51
C PHE B 124 -1.77 25.13 6.02
N HIS B 125 -2.90 25.31 6.69
CA HIS B 125 -2.95 25.19 8.15
C HIS B 125 -4.29 24.69 8.63
N PHE B 126 -4.27 23.97 9.75
CA PHE B 126 -5.46 23.46 10.44
C PHE B 126 -5.39 23.81 11.92
N GLN B 127 -6.51 23.65 12.62
CA GLN B 127 -6.64 24.08 14.00
C GLN B 127 -7.24 22.99 14.90
N PHE B 128 -6.50 22.64 15.94
CA PHE B 128 -6.88 21.54 16.81
C PHE B 128 -6.98 22.05 18.24
N TRP B 129 -8.01 21.60 18.94
CA TRP B 129 -8.15 21.88 20.34
C TRP B 129 -7.22 20.97 21.10
N GLN B 130 -6.30 21.57 21.84
CA GLN B 130 -5.41 20.79 22.70
C GLN B 130 -5.55 21.23 24.15
N HIS B 131 -6.51 20.60 24.83
CA HIS B 131 -6.68 20.67 26.27
C HIS B 131 -7.29 21.97 26.79
N SER B 132 -6.74 23.11 26.38
CA SER B 132 -7.17 24.42 26.88
C SER B 132 -7.05 25.55 25.86
N GLU B 133 -6.49 25.22 24.69
CA GLU B 133 -6.29 26.19 23.61
C GLU B 133 -6.43 25.48 22.27
N TRP B 134 -6.94 26.22 21.29
CA TRP B 134 -6.77 25.83 19.90
C TRP B 134 -5.32 26.07 19.45
N LEU B 135 -4.75 25.06 18.79
CA LEU B 135 -3.44 25.20 18.16
C LEU B 135 -3.61 25.41 16.68
N ASP B 136 -2.74 26.23 16.11
CA ASP B 136 -2.71 26.43 14.68
C ASP B 136 -1.51 25.64 14.17
N VAL B 137 -1.79 24.63 13.36
CA VAL B 137 -0.77 23.71 12.89
C VAL B 137 -0.61 23.90 11.39
N VAL B 138 0.55 24.38 10.99
CA VAL B 138 0.85 24.60 9.59
C VAL B 138 1.67 23.45 9.00
N ILE B 139 1.34 23.10 7.76
CA ILE B 139 2.09 22.14 7.00
C ILE B 139 2.42 22.72 5.63
N ASP B 140 3.46 22.15 5.01
CA ASP B 140 3.57 22.23 3.56
C ASP B 140 2.79 21.06 2.99
N ASP B 141 2.39 21.18 1.73
CA ASP B 141 1.51 20.21 1.09
C ASP B 141 2.22 19.06 0.37
N ARG B 142 3.50 18.83 0.67
CA ARG B 142 4.18 17.65 0.19
C ARG B 142 3.53 16.50 0.93
N LEU B 143 2.98 15.54 0.19
CA LEU B 143 2.30 14.40 0.79
C LEU B 143 2.99 13.11 0.34
N PRO B 144 2.96 12.07 1.20
CA PRO B 144 3.52 10.79 0.77
C PRO B 144 2.75 10.17 -0.40
N THR B 145 3.48 9.78 -1.43
CA THR B 145 2.89 9.05 -2.54
C THR B 145 3.79 7.90 -2.92
N PHE B 146 3.18 6.85 -3.45
CA PHE B 146 3.91 5.75 -4.05
C PHE B 146 3.19 5.32 -5.32
N ARG B 147 3.97 5.18 -6.39
CA ARG B 147 3.44 4.87 -7.74
C ARG B 147 2.49 5.95 -8.26
N ASP B 148 2.79 7.21 -7.93
CA ASP B 148 2.00 8.39 -8.35
C ASP B 148 0.63 8.53 -7.65
N ARG B 149 0.42 7.79 -6.57
CA ARG B 149 -0.85 7.81 -5.84
C ARG B 149 -0.60 8.06 -4.36
N LEU B 150 -1.47 8.87 -3.74
CA LEU B 150 -1.40 9.07 -2.30
C LEU B 150 -1.54 7.72 -1.61
N VAL B 151 -0.75 7.53 -0.57
CA VAL B 151 -0.68 6.27 0.17
C VAL B 151 -1.65 6.28 1.34
N PHE B 152 -1.76 7.41 2.02
CA PHE B 152 -2.59 7.50 3.22
C PHE B 152 -3.98 8.05 2.86
N LEU B 153 -4.49 8.98 3.65
CA LEU B 153 -5.85 9.46 3.47
C LEU B 153 -6.01 10.25 2.18
N HIS B 154 -7.11 10.00 1.49
CA HIS B 154 -7.41 10.56 0.19
C HIS B 154 -8.91 10.65 0.00
N SER B 155 -9.37 11.71 -0.66
CA SER B 155 -10.76 11.80 -1.09
C SER B 155 -11.07 10.75 -2.16
N ALA B 156 -12.34 10.41 -2.30
CA ALA B 156 -12.86 9.65 -3.44
C ALA B 156 -12.64 10.39 -4.78
N ASP B 157 -12.59 11.73 -4.74
CA ASP B 157 -12.21 12.51 -5.92
C ASP B 157 -10.71 12.67 -5.84
N HIS B 158 -9.97 12.16 -6.83
CA HIS B 158 -8.50 12.23 -6.78
C HIS B 158 -7.91 13.64 -6.89
N ASN B 159 -8.69 14.63 -7.35
CA ASN B 159 -8.19 16.03 -7.41
C ASN B 159 -8.43 16.84 -6.14
N GLU B 160 -8.95 16.18 -5.08
CA GLU B 160 -9.28 16.82 -3.78
C GLU B 160 -8.30 16.42 -2.65
N PHE B 161 -7.72 17.44 -1.99
CA PHE B 161 -6.61 17.23 -1.05
C PHE B 161 -6.80 17.69 0.39
N TRP B 162 -7.94 18.30 0.72
CA TRP B 162 -8.15 18.86 2.09
C TRP B 162 -8.00 17.81 3.18
N SER B 163 -8.55 16.61 2.95
CA SER B 163 -8.60 15.58 3.97
C SER B 163 -7.23 14.91 4.14
N ALA B 164 -6.53 14.74 3.01
CA ALA B 164 -5.16 14.25 2.99
C ALA B 164 -4.27 15.23 3.75
N LEU B 165 -4.54 16.52 3.56
CA LEU B 165 -3.79 17.54 4.23
C LEU B 165 -4.10 17.54 5.72
N LEU B 166 -5.37 17.50 6.10
CA LEU B 166 -5.78 17.49 7.50
C LEU B 166 -5.05 16.38 8.23
N GLU B 167 -5.08 15.18 7.63
CA GLU B 167 -4.38 14.02 8.20
C GLU B 167 -2.88 14.20 8.36
N LYS B 168 -2.24 14.86 7.38
CA LYS B 168 -0.83 15.17 7.50
C LYS B 168 -0.63 16.05 8.71
N ALA B 169 -1.36 17.16 8.76
CA ALA B 169 -1.25 18.12 9.87
C ALA B 169 -1.54 17.46 11.22
N TYR B 170 -2.41 16.44 11.24
CA TYR B 170 -2.75 15.75 12.47
C TYR B 170 -1.63 14.77 12.82
N ALA B 171 -1.01 14.21 11.79
CA ALA B 171 0.21 13.43 11.95
C ALA B 171 1.32 14.31 12.55
N LYS B 172 1.47 15.53 12.03
CA LYS B 172 2.46 16.49 12.57
C LYS B 172 2.28 16.72 14.08
N LEU B 173 1.05 16.98 14.48
CA LEU B 173 0.67 17.18 15.88
C LEU B 173 1.13 16.02 16.78
N ASN B 174 1.17 14.82 16.23
CA ASN B 174 1.52 13.61 16.98
C ASN B 174 2.92 13.11 16.70
N GLY B 175 3.62 13.78 15.79
CA GLY B 175 5.06 13.55 15.56
C GLY B 175 5.44 12.81 14.29
N SER B 176 4.50 12.07 13.73
CA SER B 176 4.73 11.19 12.59
C SER B 176 3.41 10.57 12.11
N TYR B 177 3.43 10.01 10.90
CA TYR B 177 2.28 9.26 10.37
C TYR B 177 2.11 7.94 11.17
N GLU B 178 3.21 7.33 11.61
CA GLU B 178 3.13 6.10 12.43
C GLU B 178 2.45 6.32 13.77
N ALA B 179 2.68 7.48 14.39
CA ALA B 179 2.00 7.86 15.63
C ALA B 179 0.48 7.65 15.56
N LEU B 180 -0.07 7.77 14.36
CA LEU B 180 -1.50 7.65 14.16
C LEU B 180 -2.03 6.24 14.06
N LYS B 181 -1.16 5.24 14.17
CA LYS B 181 -1.59 3.84 14.05
C LYS B 181 -2.14 3.41 15.41
N GLY B 182 -3.46 3.24 15.47
CA GLY B 182 -4.13 2.93 16.72
C GLY B 182 -4.38 4.24 17.44
N GLY B 183 -5.55 4.36 18.04
CA GLY B 183 -5.88 5.58 18.78
C GLY B 183 -7.30 5.61 19.29
N SER B 184 -7.68 6.75 19.84
CA SER B 184 -8.93 6.92 20.57
C SER B 184 -9.84 7.82 19.73
N ALA B 185 -11.06 7.37 19.46
CA ALA B 185 -11.99 8.17 18.68
C ALA B 185 -12.39 9.40 19.47
N ILE B 186 -12.58 9.24 20.80
CA ILE B 186 -12.94 10.37 21.65
C ILE B 186 -11.81 11.38 21.60
N GLU B 187 -10.58 10.91 21.65
CA GLU B 187 -9.47 11.84 21.58
C GLU B 187 -9.57 12.74 20.32
N ALA B 188 -9.77 12.17 19.13
CA ALA B 188 -9.87 12.97 17.90
C ALA B 188 -11.10 13.90 17.88
N MET B 189 -12.23 13.39 18.35
CA MET B 189 -13.48 14.16 18.40
C MET B 189 -13.36 15.42 19.28
N GLU B 190 -12.70 15.26 20.43
CA GLU B 190 -12.42 16.35 21.36
C GLU B 190 -11.38 17.32 20.78
N ASP B 191 -10.45 16.81 19.99
CA ASP B 191 -9.45 17.66 19.33
C ASP B 191 -10.09 18.51 18.21
N PHE B 192 -11.17 18.02 17.62
CA PHE B 192 -11.88 18.74 16.56
C PHE B 192 -12.93 19.75 17.04
N THR B 193 -13.35 19.62 18.30
CA THR B 193 -14.52 20.36 18.81
C THR B 193 -14.23 21.20 20.08
N GLY B 194 -13.53 20.60 21.05
CA GLY B 194 -13.41 21.14 22.39
C GLY B 194 -14.51 20.66 23.33
N GLY B 195 -15.38 19.78 22.85
CA GLY B 195 -16.50 19.30 23.66
C GLY B 195 -16.12 18.32 24.75
N VAL B 196 -17.13 17.86 25.49
CA VAL B 196 -16.95 16.84 26.55
C VAL B 196 -17.51 15.50 26.05
N ALA B 197 -16.72 14.43 26.18
CA ALA B 197 -17.08 13.11 25.61
C ALA B 197 -18.13 12.40 26.43
N GLU B 198 -18.72 11.38 25.84
CA GLU B 198 -19.77 10.63 26.48
C GLU B 198 -19.73 9.25 25.85
N THR B 199 -19.45 8.23 26.65
CA THR B 199 -19.47 6.84 26.20
C THR B 199 -20.73 6.16 26.73
N PHE B 200 -21.43 5.44 25.85
CA PHE B 200 -22.57 4.61 26.24
C PHE B 200 -22.26 3.16 25.92
N GLN B 201 -22.51 2.25 26.85
CA GLN B 201 -22.48 0.83 26.52
C GLN B 201 -23.81 0.45 25.87
N THR B 202 -23.73 0.04 24.60
CA THR B 202 -24.90 -0.30 23.79
C THR B 202 -25.88 -1.29 24.43
N LYS B 203 -25.34 -2.36 25.03
CA LYS B 203 -26.17 -3.42 25.62
C LYS B 203 -26.76 -3.00 26.94
N GLU B 204 -26.11 -2.07 27.64
CA GLU B 204 -26.65 -1.56 28.90
C GLU B 204 -26.73 -0.04 28.90
N ALA B 205 -27.57 0.46 27.99
CA ALA B 205 -27.81 1.89 27.76
C ALA B 205 -29.19 2.28 28.30
N PRO B 206 -29.45 3.59 28.46
CA PRO B 206 -30.77 3.97 29.00
C PRO B 206 -31.93 3.58 28.07
N GLU B 207 -33.07 3.24 28.67
CA GLU B 207 -34.28 2.84 27.93
C GLU B 207 -34.84 3.99 27.07
N ASN B 208 -34.00 5.01 26.87
CA ASN B 208 -34.33 6.24 26.16
C ASN B 208 -33.22 6.62 25.17
N PHE B 209 -32.38 5.65 24.83
CA PHE B 209 -31.11 5.86 24.14
C PHE B 209 -31.23 6.40 22.71
N TYR B 210 -32.18 5.87 21.94
CA TYR B 210 -32.36 6.27 20.54
C TYR B 210 -32.61 7.80 20.36
N GLU B 211 -33.37 8.38 21.28
CA GLU B 211 -33.65 9.82 21.27
C GLU B 211 -32.41 10.62 21.64
N ILE B 212 -31.65 10.12 22.61
CA ILE B 212 -30.40 10.73 22.99
C ILE B 212 -29.46 10.88 21.79
N LEU B 213 -29.35 9.80 21.01
CA LEU B 213 -28.53 9.82 19.81
C LEU B 213 -29.10 10.75 18.71
N GLU B 214 -30.41 10.74 18.53
CA GLU B 214 -31.06 11.57 17.53
C GLU B 214 -30.89 13.03 17.86
N LYS B 215 -31.22 13.38 19.10
CA LYS B 215 -30.97 14.73 19.61
C LYS B 215 -29.49 15.14 19.44
N ALA B 216 -28.57 14.27 19.86
CA ALA B 216 -27.12 14.53 19.76
C ALA B 216 -26.65 14.75 18.30
N LEU B 217 -27.14 13.93 17.38
CA LEU B 217 -26.77 14.05 15.97
C LEU B 217 -27.30 15.34 15.34
N LYS B 218 -28.56 15.67 15.63
CA LYS B 218 -29.20 16.89 15.16
C LYS B 218 -28.50 18.13 15.76
N ARG B 219 -28.12 18.04 17.04
CA ARG B 219 -27.40 19.11 17.76
C ARG B 219 -26.00 19.50 17.18
N GLY B 220 -25.47 18.67 16.28
CA GLY B 220 -24.15 18.91 15.68
C GLY B 220 -23.02 18.18 16.39
N SER B 221 -23.36 17.42 17.44
CA SER B 221 -22.40 16.59 18.13
C SER B 221 -21.80 15.50 17.21
N LEU B 222 -20.61 15.04 17.57
CA LEU B 222 -19.93 13.96 16.86
C LEU B 222 -20.23 12.62 17.55
N LEU B 223 -20.60 11.63 16.75
CA LEU B 223 -20.91 10.32 17.32
C LEU B 223 -20.09 9.28 16.59
N GLY B 224 -19.48 8.40 17.37
CA GLY B 224 -18.86 7.22 16.84
C GLY B 224 -19.39 5.98 17.52
N CYS B 225 -19.01 4.82 16.98
CA CYS B 225 -19.36 3.52 17.53
C CYS B 225 -18.35 2.48 17.08
N PHE B 226 -18.25 1.41 17.85
CA PHE B 226 -17.28 0.36 17.56
C PHE B 226 -17.59 -0.90 18.32
N ILE B 227 -16.94 -1.98 17.89
CA ILE B 227 -17.08 -3.32 18.45
C ILE B 227 -15.85 -3.62 19.27
N ASP B 228 -15.99 -4.42 20.32
CA ASP B 228 -14.89 -4.63 21.25
C ASP B 228 -13.90 -5.67 20.76
N THR B 229 -12.64 -5.37 21.01
CA THR B 229 -11.51 -6.20 20.66
C THR B 229 -11.14 -7.02 21.87
N ARG B 230 -11.16 -8.34 21.73
CA ARG B 230 -10.75 -9.23 22.81
C ARG B 230 -9.24 -9.36 22.93
N SER B 231 -8.50 -9.19 21.83
CA SER B 231 -7.12 -9.74 21.82
C SER B 231 -6.03 -8.84 21.26
N ALA B 232 -6.37 -7.80 20.50
CA ALA B 232 -5.37 -7.06 19.73
C ALA B 232 -4.96 -7.86 18.50
N ALA B 233 -5.02 -9.20 18.60
CA ALA B 233 -4.96 -10.09 17.44
C ALA B 233 -6.34 -10.22 16.79
N GLU B 234 -7.37 -9.70 17.45
CA GLU B 234 -8.73 -9.62 16.90
C GLU B 234 -8.95 -8.29 16.16
N SER B 235 -8.11 -7.30 16.46
CA SER B 235 -8.14 -5.99 15.81
C SER B 235 -8.23 -6.11 14.29
N GLU B 236 -9.23 -5.45 13.72
CA GLU B 236 -9.53 -5.43 12.28
C GLU B 236 -10.05 -6.76 11.69
N ALA B 237 -10.49 -7.69 12.53
CA ALA B 237 -11.12 -8.93 12.06
C ALA B 237 -12.54 -8.59 11.60
N ARG B 238 -13.01 -9.30 10.58
CA ARG B 238 -14.35 -9.08 10.04
C ARG B 238 -15.34 -10.07 10.64
N THR B 239 -16.59 -9.62 10.84
CA THR B 239 -17.66 -10.53 11.22
C THR B 239 -18.28 -11.13 9.97
N PRO B 240 -19.07 -12.21 10.14
CA PRO B 240 -19.85 -12.72 9.01
C PRO B 240 -20.89 -11.71 8.55
N PHE B 241 -21.26 -10.75 9.41
CA PHE B 241 -22.14 -9.62 9.01
C PHE B 241 -21.44 -8.44 8.32
N GLY B 242 -20.13 -8.57 8.09
CA GLY B 242 -19.36 -7.57 7.34
C GLY B 242 -18.98 -6.31 8.13
N LEU B 243 -18.95 -6.43 9.46
CA LEU B 243 -18.41 -5.37 10.30
C LEU B 243 -16.96 -5.68 10.70
N ILE B 244 -16.22 -4.62 10.96
CA ILE B 244 -14.84 -4.71 11.33
C ILE B 244 -14.74 -4.47 12.83
N LYS B 245 -14.13 -5.42 13.53
CA LYS B 245 -13.94 -5.35 14.97
C LYS B 245 -12.73 -4.45 15.27
N GLY B 246 -12.74 -3.80 16.43
CA GLY B 246 -11.67 -2.91 16.82
C GLY B 246 -11.55 -1.70 15.91
N HIS B 247 -12.66 -1.29 15.31
CA HIS B 247 -12.64 -0.38 14.19
C HIS B 247 -13.69 0.72 14.45
N ALA B 248 -13.22 1.97 14.42
CA ALA B 248 -14.03 3.16 14.68
C ALA B 248 -14.91 3.50 13.49
N TYR B 249 -16.22 3.53 13.72
CA TYR B 249 -17.17 4.00 12.72
C TYR B 249 -17.73 5.36 13.14
N SER B 250 -18.16 6.14 12.16
CA SER B 250 -18.93 7.35 12.37
C SER B 250 -20.41 6.99 12.33
N VAL B 251 -21.19 7.56 13.25
CA VAL B 251 -22.64 7.47 13.18
C VAL B 251 -23.13 8.75 12.49
N THR B 252 -23.69 8.60 11.28
CA THR B 252 -23.97 9.76 10.38
C THR B 252 -25.45 10.06 10.11
N GLY B 253 -26.34 9.32 10.74
CA GLY B 253 -27.76 9.54 10.51
C GLY B 253 -28.58 8.69 11.42
N ILE B 254 -29.67 9.26 11.92
CA ILE B 254 -30.67 8.54 12.71
C ILE B 254 -32.04 8.90 12.17
N ASP B 255 -32.89 7.88 11.98
CA ASP B 255 -34.16 8.07 11.30
C ASP B 255 -35.10 6.89 11.50
N GLN B 256 -36.39 7.19 11.57
CA GLN B 256 -37.43 6.18 11.76
C GLN B 256 -37.96 5.94 10.36
N VAL B 257 -38.39 4.71 10.07
CA VAL B 257 -39.19 4.44 8.86
C VAL B 257 -40.25 3.38 9.14
N SER B 258 -41.34 3.44 8.35
CA SER B 258 -42.43 2.46 8.42
C SER B 258 -42.30 1.45 7.30
N PHE B 259 -42.62 0.21 7.64
CA PHE B 259 -42.19 -0.96 6.90
C PHE B 259 -42.96 -2.19 7.39
N ARG B 260 -43.80 -2.73 6.51
CA ARG B 260 -44.62 -3.90 6.82
C ARG B 260 -45.44 -3.71 8.10
N GLY B 261 -46.04 -2.53 8.24
CA GLY B 261 -46.95 -2.25 9.37
C GLY B 261 -46.31 -1.56 10.56
N GLN B 262 -45.17 -2.06 11.02
CA GLN B 262 -44.48 -1.46 12.16
C GLN B 262 -43.73 -0.19 11.73
N ARG B 263 -43.16 0.50 12.71
CA ARG B 263 -42.12 1.53 12.49
C ARG B 263 -40.82 1.02 13.05
N ILE B 264 -39.84 0.89 12.18
CA ILE B 264 -38.55 0.41 12.58
C ILE B 264 -37.66 1.63 12.70
N GLU B 265 -37.07 1.79 13.87
CA GLU B 265 -36.01 2.76 14.10
C GLU B 265 -34.77 2.31 13.33
N LEU B 266 -34.27 3.20 12.47
CA LEU B 266 -33.05 2.94 11.71
C LEU B 266 -31.92 3.87 12.16
N ILE B 267 -30.70 3.35 12.10
CA ILE B 267 -29.50 4.12 12.42
C ILE B 267 -28.57 4.02 11.23
N ARG B 268 -27.79 5.06 10.96
CA ARG B 268 -26.84 5.05 9.86
C ARG B 268 -25.40 5.18 10.36
N ILE B 269 -24.53 4.38 9.74
CA ILE B 269 -23.16 4.17 10.18
C ILE B 269 -22.25 4.23 8.94
N ARG B 270 -21.01 4.64 9.15
CA ARG B 270 -20.07 4.72 8.05
C ARG B 270 -18.67 4.23 8.45
N ASN B 271 -18.21 3.20 7.72
CA ASN B 271 -16.82 2.77 7.74
C ASN B 271 -15.85 3.85 7.15
N PRO B 272 -14.83 4.28 7.91
CA PRO B 272 -13.86 5.29 7.41
C PRO B 272 -12.95 4.80 6.26
N TRP B 273 -12.96 3.50 6.01
CA TRP B 273 -12.39 2.90 4.80
C TRP B 273 -13.03 3.38 3.52
N GLY B 274 -14.30 3.79 3.63
CA GLY B 274 -15.04 4.32 2.51
C GLY B 274 -15.53 3.16 1.67
N GLN B 275 -15.77 2.03 2.32
CA GLN B 275 -15.85 0.75 1.62
C GLN B 275 -16.06 -0.35 2.67
N VAL B 276 -16.71 -1.44 2.27
CA VAL B 276 -16.94 -2.62 3.13
C VAL B 276 -18.00 -2.35 4.20
N GLU B 277 -19.15 -2.98 4.05
CA GLU B 277 -20.37 -2.61 4.77
C GLU B 277 -21.12 -3.77 5.39
N TRP B 278 -22.10 -3.41 6.21
CA TRP B 278 -23.02 -4.34 6.85
C TRP B 278 -23.76 -5.23 5.84
N ASN B 279 -24.00 -6.48 6.25
CA ASN B 279 -24.57 -7.56 5.40
C ASN B 279 -26.06 -7.75 5.50
N GLY B 280 -26.55 -7.66 6.73
CA GLY B 280 -27.91 -8.05 7.07
C GLY B 280 -28.98 -7.02 6.75
N SER B 281 -30.07 -7.08 7.52
CA SER B 281 -31.28 -6.34 7.18
C SER B 281 -30.99 -4.83 7.05
N TRP B 282 -31.55 -4.23 6.00
CA TRP B 282 -31.42 -2.81 5.72
C TRP B 282 -30.06 -2.43 5.14
N SER B 283 -29.24 -3.42 4.77
CA SER B 283 -28.02 -3.13 4.03
C SER B 283 -28.37 -2.73 2.59
N ASP B 284 -27.41 -2.23 1.85
CA ASP B 284 -27.65 -1.64 0.52
C ASP B 284 -28.56 -2.48 -0.38
N SER B 285 -28.16 -3.74 -0.56
CA SER B 285 -28.82 -4.66 -1.47
C SER B 285 -29.57 -5.70 -0.68
N SER B 286 -30.21 -5.24 0.38
CA SER B 286 -31.03 -6.07 1.22
C SER B 286 -32.45 -5.88 0.70
N PRO B 287 -33.31 -6.89 0.90
CA PRO B 287 -34.67 -6.79 0.39
C PRO B 287 -35.60 -5.86 1.17
N GLU B 288 -35.22 -5.50 2.40
CA GLU B 288 -36.05 -4.61 3.24
C GLU B 288 -36.53 -3.35 2.53
N TRP B 289 -35.80 -2.94 1.53
CA TRP B 289 -35.97 -1.63 0.99
C TRP B 289 -37.15 -1.64 0.07
N ARG B 290 -37.40 -2.79 -0.52
CA ARG B 290 -38.46 -2.86 -1.51
C ARG B 290 -39.82 -2.51 -0.90
N SER B 291 -39.95 -2.94 0.35
CA SER B 291 -41.13 -2.64 1.13
C SER B 291 -41.16 -1.16 1.53
N VAL B 292 -40.32 -0.36 0.90
CA VAL B 292 -40.21 1.04 1.26
C VAL B 292 -40.43 1.98 0.07
N GLY B 293 -41.31 2.96 0.25
CA GLY B 293 -41.69 3.93 -0.77
C GLY B 293 -40.49 4.69 -1.29
N PRO B 294 -40.60 5.25 -2.51
CA PRO B 294 -39.47 5.91 -3.15
C PRO B 294 -39.29 7.32 -2.55
N ALA B 295 -40.37 7.85 -1.96
CA ALA B 295 -40.37 9.14 -1.29
C ALA B 295 -39.66 9.11 0.09
N GLU B 296 -39.76 7.97 0.79
CA GLU B 296 -38.98 7.74 2.01
C GLU B 296 -37.54 7.27 1.72
N GLN B 297 -37.31 6.76 0.51
CA GLN B 297 -36.01 6.20 0.13
C GLN B 297 -35.05 7.32 -0.17
N LYS B 298 -35.51 8.30 -0.93
CA LYS B 298 -34.62 9.38 -1.32
C LYS B 298 -34.58 10.48 -0.27
N ARG B 299 -35.34 10.37 0.82
CA ARG B 299 -35.12 11.25 1.98
C ARG B 299 -33.95 10.70 2.78
N LEU B 300 -34.00 9.40 3.05
CA LEU B 300 -32.91 8.70 3.72
C LEU B 300 -31.62 8.55 2.86
N CYS B 301 -31.66 8.97 1.59
CA CYS B 301 -30.55 8.83 0.61
C CYS B 301 -30.08 7.40 0.34
N HIS B 302 -30.98 6.44 0.49
CA HIS B 302 -30.67 5.04 0.21
C HIS B 302 -30.26 4.89 -1.25
N THR B 303 -29.05 4.39 -1.43
CA THR B 303 -28.56 4.02 -2.72
C THR B 303 -27.82 2.74 -2.44
N ALA B 304 -27.51 1.99 -3.48
CA ALA B 304 -26.69 0.80 -3.33
C ALA B 304 -25.33 1.16 -3.86
N LEU B 305 -24.39 1.51 -2.99
CA LEU B 305 -23.02 1.62 -3.44
C LEU B 305 -22.06 1.48 -2.29
N ASP B 306 -20.91 0.87 -2.59
CA ASP B 306 -19.91 0.53 -1.59
C ASP B 306 -19.32 1.85 -1.09
N ASP B 307 -20.12 2.49 -0.26
CA ASP B 307 -19.89 3.80 0.31
C ASP B 307 -18.90 3.76 1.46
N GLY B 308 -18.96 2.66 2.22
CA GLY B 308 -18.59 2.64 3.64
C GLY B 308 -19.84 2.81 4.52
N GLU B 309 -20.85 3.47 3.95
CA GLU B 309 -21.99 3.98 4.67
C GLU B 309 -23.24 3.18 4.36
N PHE B 310 -23.98 2.90 5.43
CA PHE B 310 -25.09 1.95 5.39
C PHE B 310 -26.05 2.19 6.55
N TRP B 311 -27.30 1.79 6.35
CA TRP B 311 -28.29 1.82 7.40
C TRP B 311 -28.34 0.48 8.05
N MET B 312 -28.72 0.46 9.31
CA MET B 312 -29.10 -0.79 9.95
C MET B 312 -30.27 -0.51 10.91
N ALA B 313 -30.96 -1.57 11.32
CA ALA B 313 -32.10 -1.45 12.23
C ALA B 313 -31.53 -1.25 13.63
N PHE B 314 -32.03 -0.25 14.35
CA PHE B 314 -31.46 0.08 15.65
C PHE B 314 -31.28 -1.14 16.57
N LYS B 315 -32.24 -2.08 16.55
CA LYS B 315 -32.14 -3.30 17.36
C LYS B 315 -30.81 -4.02 17.12
N ASP B 316 -30.48 -4.18 15.83
CA ASP B 316 -29.32 -4.92 15.36
C ASP B 316 -28.04 -4.15 15.68
N PHE B 317 -28.10 -2.82 15.56
CA PHE B 317 -27.00 -1.93 15.97
C PHE B 317 -26.62 -2.19 17.43
N LYS B 318 -27.60 -2.12 18.34
CA LYS B 318 -27.39 -2.54 19.73
C LYS B 318 -26.83 -3.98 19.84
N ALA B 319 -27.36 -4.87 19.02
CA ALA B 319 -26.99 -6.28 19.03
C ALA B 319 -25.51 -6.49 18.69
N HIS B 320 -24.98 -5.71 17.74
CA HIS B 320 -23.66 -6.02 17.17
C HIS B 320 -22.54 -5.05 17.56
N PHE B 321 -22.88 -3.79 17.84
CA PHE B 321 -21.91 -2.84 18.37
C PHE B 321 -21.90 -2.89 19.89
N ASP B 322 -20.80 -2.44 20.46
CA ASP B 322 -20.57 -2.55 21.89
C ASP B 322 -20.58 -1.16 22.53
N LYS B 323 -19.91 -0.20 21.91
CA LYS B 323 -19.79 1.13 22.47
C LYS B 323 -20.12 2.22 21.45
N VAL B 324 -20.75 3.27 21.96
CA VAL B 324 -21.12 4.44 21.18
C VAL B 324 -20.55 5.63 21.93
N GLU B 325 -19.73 6.44 21.26
CA GLU B 325 -19.12 7.60 21.87
C GLU B 325 -19.68 8.90 21.27
N ILE B 326 -20.19 9.79 22.13
CA ILE B 326 -20.66 11.11 21.70
C ILE B 326 -19.78 12.21 22.24
N CYS B 327 -19.39 13.11 21.35
CA CYS B 327 -18.68 14.33 21.72
C CYS B 327 -19.61 15.53 21.52
N ASN B 328 -20.14 16.03 22.63
CA ASN B 328 -21.11 17.12 22.64
C ASN B 328 -20.40 18.46 22.69
N LEU B 329 -20.89 19.46 21.95
CA LEU B 329 -20.46 20.85 22.20
C LEU B 329 -21.41 21.47 23.25
N THR B 330 -22.71 21.14 23.12
CA THR B 330 -23.77 21.39 24.14
C THR B 330 -24.36 20.02 24.60
N LEU C 2 19.60 -11.02 6.37
CA LEU C 2 18.23 -10.88 5.89
C LEU C 2 17.98 -9.52 5.21
N LEU C 3 17.67 -9.60 3.91
CA LEU C 3 17.53 -8.46 3.02
C LEU C 3 16.04 -8.15 2.80
N LEU D 2 -6.70 -0.44 21.36
CA LEU D 2 -7.00 0.85 20.70
C LEU D 2 -7.62 0.57 19.34
N LEU D 3 -8.40 1.52 18.85
CA LEU D 3 -9.10 1.37 17.57
C LEU D 3 -8.14 1.59 16.40
#